data_6YEV
#
_entry.id   6YEV
#
_cell.length_a   139.910
_cell.length_b   139.910
_cell.length_c   218.050
_cell.angle_alpha   90.000
_cell.angle_beta   90.000
_cell.angle_gamma   120.000
#
_symmetry.space_group_name_H-M   'P 32 2 1'
#
loop_
_entity.id
_entity.type
_entity.pdbx_description
1 polymer 'Thioredoxin 1'
2 polymer 'Peptide methionine sulfoxide reductase MsrA'
3 non-polymer 'SODIUM ION'
4 water water
#
loop_
_entity_poly.entity_id
_entity_poly.type
_entity_poly.pdbx_seq_one_letter_code
_entity_poly.pdbx_strand_id
1 'polypeptide(L)'
;MSDKIIHLTDDSFDTDVLKADGAILVDFWAEWCGPSKMIAPILDEIADEYQGKLTVAKLNIDQNPGTAPKYGIRGIPTLL
LFKNGEVAATKVGALSKGQLKEFLDANLA
;
E,F,G
2 'polypeptide(L)'
;MSLFDKKHLVSPADALPGRNTPMPVATLHAVNGHSMTNVPDGMEIAIFAMGAFWGVERLFWQLPGVYSTAAGYTGGYTPN
PTYREVASGDTGHAEAVRIVYDPSVISYEQLLQVFWENHDPAQGMRQGNDHGTQYRSAIYPLTPEQDAAARASLERFQAA
MLAADDDRHITTEIANATPFYYAEDDHQQYLHKNPYGYAGIGGIGVCLPPEA
;
A,B,C,D
#
# COMPACT_ATOMS: atom_id res chain seq x y z
N SER A 2 12.01 4.21 -47.42
CA SER A 2 12.56 5.52 -47.69
C SER A 2 14.05 5.61 -47.34
N ASP A 3 14.91 5.69 -48.36
CA ASP A 3 16.34 5.80 -48.14
C ASP A 3 16.72 7.24 -47.84
N LYS A 4 16.02 7.86 -46.88
CA LYS A 4 16.33 9.22 -46.44
C LYS A 4 16.27 9.31 -44.92
N ILE A 5 16.31 8.18 -44.22
CA ILE A 5 16.18 8.16 -42.76
C ILE A 5 17.46 7.59 -42.17
N ILE A 6 17.91 8.21 -41.09
CA ILE A 6 19.14 7.85 -40.40
C ILE A 6 18.83 6.93 -39.23
N HIS A 7 19.58 5.83 -39.11
CA HIS A 7 19.48 4.94 -37.98
C HIS A 7 20.67 5.23 -37.08
N LEU A 8 20.40 5.42 -35.79
CA LEU A 8 21.37 5.99 -34.87
C LEU A 8 21.87 4.94 -33.90
N THR A 9 22.93 5.32 -33.17
CA THR A 9 23.35 4.62 -31.97
C THR A 9 23.65 5.67 -30.89
N ASP A 10 23.85 5.20 -29.67
CA ASP A 10 24.03 6.10 -28.52
C ASP A 10 25.16 7.09 -28.75
N ASP A 11 26.39 6.58 -28.93
CA ASP A 11 27.50 7.50 -29.17
C ASP A 11 27.31 8.28 -30.47
N SER A 12 26.55 7.71 -31.42
CA SER A 12 26.27 8.41 -32.66
C SER A 12 25.35 9.60 -32.48
N PHE A 13 24.77 9.78 -31.29
CA PHE A 13 23.66 10.73 -31.15
C PHE A 13 24.18 12.17 -31.13
N ASP A 14 25.12 12.47 -30.23
CA ASP A 14 25.59 13.84 -30.03
C ASP A 14 26.07 14.46 -31.34
N THR A 15 26.74 13.67 -32.18
CA THR A 15 27.25 14.18 -33.44
C THR A 15 26.13 14.33 -34.48
N ASP A 16 25.18 13.39 -34.52
CA ASP A 16 24.23 13.33 -35.64
C ASP A 16 22.97 14.16 -35.48
N VAL A 17 22.59 14.50 -34.26
CA VAL A 17 21.34 15.23 -34.12
C VAL A 17 21.55 16.53 -33.36
N LEU A 18 22.31 16.49 -32.26
CA LEU A 18 22.54 17.71 -31.48
C LEU A 18 23.35 18.72 -32.26
N LYS A 19 24.58 18.38 -32.60
CA LYS A 19 25.40 19.32 -33.36
C LYS A 19 25.20 19.12 -34.86
N ALA A 20 23.94 19.18 -35.27
CA ALA A 20 23.52 19.05 -36.66
C ALA A 20 22.60 20.21 -37.01
N ASP A 21 22.82 20.79 -38.19
CA ASP A 21 22.06 21.95 -38.64
C ASP A 21 20.79 21.51 -39.36
N GLY A 22 19.77 22.35 -39.29
CA GLY A 22 18.46 22.01 -39.80
C GLY A 22 17.65 21.32 -38.74
N ALA A 23 16.43 20.92 -39.13
CA ALA A 23 15.48 20.30 -38.21
C ALA A 23 15.55 18.79 -38.33
N ILE A 24 15.64 18.11 -37.19
CA ILE A 24 15.77 16.66 -37.16
C ILE A 24 14.67 16.10 -36.28
N LEU A 25 14.01 15.06 -36.76
CA LEU A 25 12.93 14.39 -36.05
C LEU A 25 13.41 13.01 -35.63
N VAL A 26 13.44 12.76 -34.34
CA VAL A 26 14.04 11.55 -33.79
C VAL A 26 12.89 10.64 -33.32
N ASP A 27 12.84 9.45 -33.86
CA ASP A 27 11.83 8.45 -33.52
C ASP A 27 12.42 7.52 -32.47
N PHE A 28 11.88 7.55 -31.25
CA PHE A 28 12.34 6.59 -30.23
C PHE A 28 11.46 5.35 -30.33
N TRP A 29 11.97 4.29 -30.95
CA TRP A 29 11.11 3.16 -31.28
C TRP A 29 11.66 1.86 -30.69
N ALA A 30 10.83 0.83 -30.75
CA ALA A 30 11.22 -0.49 -30.27
C ALA A 30 10.45 -1.52 -31.07
N GLU A 31 11.05 -2.69 -31.26
CA GLU A 31 10.43 -3.66 -32.14
C GLU A 31 9.19 -4.27 -31.51
N TRP A 32 9.16 -4.34 -30.18
CA TRP A 32 8.10 -4.98 -29.42
C TRP A 32 6.93 -4.07 -29.12
N CYS A 33 7.02 -2.80 -29.47
CA CYS A 33 5.97 -1.83 -29.25
C CYS A 33 5.17 -1.68 -30.54
N GLY A 34 3.94 -2.18 -30.52
CA GLY A 34 3.05 -2.10 -31.65
C GLY A 34 2.87 -0.71 -32.26
N PRO A 35 2.55 0.29 -31.45
CA PRO A 35 2.43 1.66 -32.01
C PRO A 35 3.70 2.16 -32.71
N SER A 36 4.88 1.67 -32.32
CA SER A 36 6.09 2.00 -33.07
C SER A 36 5.99 1.46 -34.49
N LYS A 37 5.78 0.16 -34.61
CA LYS A 37 5.61 -0.47 -35.91
C LYS A 37 4.53 0.25 -36.70
N MET A 38 3.53 0.78 -36.01
CA MET A 38 2.40 1.39 -36.68
C MET A 38 2.78 2.72 -37.30
N ILE A 39 3.53 3.57 -36.57
CA ILE A 39 3.81 4.88 -37.13
C ILE A 39 5.04 4.89 -38.03
N ALA A 40 5.80 3.80 -38.08
CA ALA A 40 7.03 3.82 -38.89
C ALA A 40 6.79 4.13 -40.37
N PRO A 41 5.85 3.48 -41.08
CA PRO A 41 5.65 3.82 -42.49
C PRO A 41 5.22 5.28 -42.72
N ILE A 42 4.46 5.83 -41.78
CA ILE A 42 4.12 7.24 -41.85
C ILE A 42 5.39 8.09 -41.79
N LEU A 43 6.39 7.65 -41.00
CA LEU A 43 7.66 8.37 -40.95
C LEU A 43 8.41 8.26 -42.27
N ASP A 44 8.34 7.11 -42.93
CA ASP A 44 8.89 7.00 -44.28
C ASP A 44 8.30 8.08 -45.19
N GLU A 45 6.97 8.12 -45.28
CA GLU A 45 6.34 9.09 -46.15
C GLU A 45 6.67 10.52 -45.77
N ILE A 46 6.90 10.78 -44.48
CA ILE A 46 7.26 12.14 -44.07
C ILE A 46 8.69 12.47 -44.46
N ALA A 47 9.60 11.51 -44.32
CA ALA A 47 10.98 11.70 -44.78
C ALA A 47 11.02 12.08 -46.25
N ASP A 48 10.12 11.48 -47.04
CA ASP A 48 10.02 11.91 -48.43
C ASP A 48 9.42 13.31 -48.54
N GLU A 49 8.22 13.52 -47.99
CA GLU A 49 7.44 14.72 -48.30
C GLU A 49 8.04 15.97 -47.66
N TYR A 50 8.76 15.83 -46.56
CA TYR A 50 9.39 16.96 -45.91
C TYR A 50 10.92 16.96 -46.07
N GLN A 51 11.44 16.43 -47.17
CA GLN A 51 12.88 16.50 -47.38
C GLN A 51 13.32 17.95 -47.63
N GLY A 52 14.52 18.26 -47.16
CA GLY A 52 15.04 19.61 -47.29
C GLY A 52 14.46 20.60 -46.31
N LYS A 53 13.25 20.34 -45.80
CA LYS A 53 12.76 21.00 -44.60
C LYS A 53 13.16 20.29 -43.32
N LEU A 54 13.46 18.99 -43.39
CA LEU A 54 13.55 18.19 -42.18
C LEU A 54 14.12 16.81 -42.50
N THR A 55 14.89 16.29 -41.55
CA THR A 55 15.41 14.92 -41.61
C THR A 55 14.83 14.09 -40.49
N VAL A 56 14.21 12.95 -40.81
CA VAL A 56 13.78 12.04 -39.75
C VAL A 56 14.89 11.02 -39.54
N ALA A 57 14.88 10.41 -38.36
CA ALA A 57 15.96 9.54 -37.92
C ALA A 57 15.44 8.63 -36.83
N LYS A 58 15.48 7.33 -37.07
CA LYS A 58 15.01 6.38 -36.07
C LYS A 58 16.11 6.09 -35.05
N LEU A 59 15.70 5.54 -33.90
CA LEU A 59 16.62 5.15 -32.85
C LEU A 59 15.97 4.01 -32.08
N ASN A 60 16.52 2.81 -32.28
CA ASN A 60 16.08 1.63 -31.57
C ASN A 60 16.50 1.74 -30.10
N ILE A 61 15.52 1.75 -29.19
CA ILE A 61 15.84 1.90 -27.77
C ILE A 61 16.29 0.58 -27.16
N ASP A 62 16.12 -0.55 -27.86
CA ASP A 62 16.71 -1.81 -27.41
C ASP A 62 18.19 -1.86 -27.76
N GLN A 63 18.53 -1.55 -29.01
CA GLN A 63 19.91 -1.54 -29.46
C GLN A 63 20.69 -0.34 -28.97
N ASN A 64 20.02 0.65 -28.36
CA ASN A 64 20.65 1.90 -27.95
C ASN A 64 19.95 2.42 -26.71
N PRO A 65 20.11 1.73 -25.57
CA PRO A 65 19.32 2.07 -24.37
C PRO A 65 19.81 3.29 -23.62
N GLY A 66 20.87 3.96 -24.09
CA GLY A 66 21.48 5.03 -23.33
C GLY A 66 20.87 6.40 -23.53
N THR A 67 20.59 6.76 -24.78
CA THR A 67 20.21 8.15 -25.09
C THR A 67 18.74 8.45 -24.83
N ALA A 68 17.87 7.44 -24.76
CA ALA A 68 16.46 7.66 -24.45
C ALA A 68 16.28 8.15 -23.01
N PRO A 69 16.99 7.58 -22.02
CA PRO A 69 16.89 8.13 -20.66
C PRO A 69 17.47 9.53 -20.52
N LYS A 70 18.53 9.88 -21.25
CA LYS A 70 19.12 11.22 -21.13
C LYS A 70 18.10 12.30 -21.47
N TYR A 71 17.04 11.97 -22.19
CA TYR A 71 16.02 12.94 -22.56
C TYR A 71 14.69 12.66 -21.89
N GLY A 72 14.69 11.76 -20.91
CA GLY A 72 13.52 11.61 -20.07
C GLY A 72 12.29 11.15 -20.79
N ILE A 73 12.44 10.42 -21.90
CA ILE A 73 11.26 9.91 -22.57
C ILE A 73 10.52 9.01 -21.60
N ARG A 74 9.19 9.09 -21.62
CA ARG A 74 8.37 8.40 -20.65
C ARG A 74 7.42 7.41 -21.30
N GLY A 75 7.29 7.44 -22.62
CA GLY A 75 6.47 6.47 -23.32
C GLY A 75 7.04 6.26 -24.72
N ILE A 76 6.69 5.13 -25.29
CA ILE A 76 7.13 4.75 -26.64
C ILE A 76 5.87 4.47 -27.46
N PRO A 77 5.74 5.04 -28.66
CA PRO A 77 6.76 5.92 -29.25
C PRO A 77 6.74 7.37 -28.76
N THR A 78 7.92 8.01 -28.80
CA THR A 78 8.09 9.45 -28.67
C THR A 78 8.82 10.00 -29.89
N LEU A 79 8.27 11.05 -30.47
CA LEU A 79 8.93 11.83 -31.51
C LEU A 79 9.49 13.10 -30.87
N LEU A 80 10.78 13.36 -31.08
CA LEU A 80 11.42 14.58 -30.60
C LEU A 80 11.97 15.37 -31.79
N LEU A 81 11.50 16.61 -31.92
CA LEU A 81 11.94 17.52 -32.98
C LEU A 81 13.03 18.44 -32.43
N PHE A 82 14.26 18.30 -32.95
CA PHE A 82 15.39 19.15 -32.57
C PHE A 82 15.62 20.24 -33.60
N LYS A 83 15.93 21.44 -33.09
CA LYS A 83 16.39 22.58 -33.86
C LYS A 83 17.66 23.06 -33.15
N ASN A 84 18.82 22.76 -33.73
CA ASN A 84 20.13 23.25 -33.25
C ASN A 84 20.41 22.80 -31.81
N GLY A 85 20.55 21.49 -31.66
CA GLY A 85 21.07 20.95 -30.40
C GLY A 85 20.07 20.82 -29.27
N GLU A 86 19.14 21.76 -29.16
CA GLU A 86 18.13 21.68 -28.11
C GLU A 86 16.79 21.22 -28.68
N VAL A 87 15.99 20.62 -27.80
CA VAL A 87 14.75 19.96 -28.21
C VAL A 87 13.65 21.01 -28.39
N ALA A 88 13.13 21.11 -29.61
CA ALA A 88 12.07 22.07 -29.89
C ALA A 88 10.70 21.51 -29.52
N ALA A 89 10.34 20.34 -30.08
CA ALA A 89 9.00 19.78 -29.92
C ALA A 89 9.03 18.33 -29.44
N THR A 90 7.91 17.91 -28.84
CA THR A 90 7.72 16.53 -28.42
C THR A 90 6.32 16.08 -28.83
N LYS A 91 6.18 14.78 -29.08
CA LYS A 91 4.87 14.17 -29.30
C LYS A 91 4.99 12.71 -28.92
N VAL A 92 4.14 12.24 -28.00
CA VAL A 92 4.24 10.87 -27.52
C VAL A 92 3.04 10.08 -28.02
N GLY A 93 3.24 8.77 -28.20
CA GLY A 93 2.17 7.90 -28.61
C GLY A 93 2.04 7.80 -30.12
N ALA A 94 1.25 6.82 -30.56
CA ALA A 94 0.93 6.68 -31.96
C ALA A 94 0.08 7.84 -32.43
N LEU A 95 0.20 8.17 -33.71
CA LEU A 95 -0.58 9.28 -34.24
C LEU A 95 -0.82 9.01 -35.71
N SER A 96 -1.77 9.73 -36.29
CA SER A 96 -2.23 9.42 -37.63
C SER A 96 -1.40 10.14 -38.68
N LYS A 97 -1.61 9.72 -39.92
CA LYS A 97 -1.09 10.38 -41.10
C LYS A 97 -1.14 11.90 -41.00
N GLY A 98 -2.33 12.44 -40.74
CA GLY A 98 -2.59 13.86 -40.69
C GLY A 98 -2.12 14.55 -39.44
N GLN A 99 -2.25 13.86 -38.30
CA GLN A 99 -1.84 14.42 -37.01
C GLN A 99 -0.41 14.92 -37.02
N LEU A 100 0.46 14.35 -37.85
CA LEU A 100 1.78 14.94 -38.03
C LEU A 100 1.61 16.26 -38.80
N LYS A 101 1.10 17.24 -38.05
CA LYS A 101 1.09 18.65 -38.41
C LYS A 101 1.87 19.38 -37.31
N GLU A 102 3.03 18.83 -36.98
CA GLU A 102 3.97 19.50 -36.09
C GLU A 102 4.41 20.84 -36.71
N PHE A 103 4.90 21.73 -35.85
CA PHE A 103 4.66 23.18 -35.97
C PHE A 103 4.68 23.66 -37.40
N LEU A 104 5.86 23.60 -38.00
CA LEU A 104 6.06 24.06 -39.36
C LEU A 104 6.17 22.85 -40.29
N SER B 2 -32.51 46.90 23.14
CA SER B 2 -33.57 47.27 24.05
C SER B 2 -34.82 47.72 23.28
N ASP B 3 -35.73 46.78 22.98
CA ASP B 3 -36.83 47.05 22.05
C ASP B 3 -37.87 45.94 22.15
N LYS B 4 -38.84 45.97 21.24
CA LYS B 4 -39.80 44.88 21.11
C LYS B 4 -39.99 44.54 19.64
N ILE B 5 -39.44 43.37 19.27
CA ILE B 5 -39.65 42.69 17.99
C ILE B 5 -40.75 41.65 18.20
N ILE B 6 -41.53 41.39 17.17
CA ILE B 6 -42.59 40.39 17.24
C ILE B 6 -41.97 39.04 16.88
N HIS B 7 -42.23 38.01 17.70
CA HIS B 7 -41.70 36.66 17.48
C HIS B 7 -42.79 35.73 16.97
N LEU B 8 -42.46 34.97 15.93
CA LEU B 8 -43.41 34.23 15.12
C LEU B 8 -43.28 32.73 15.37
N THR B 9 -44.33 32.01 14.97
CA THR B 9 -44.29 30.57 14.78
C THR B 9 -45.06 30.26 13.52
N ASP B 10 -44.96 29.00 13.07
CA ASP B 10 -45.69 28.57 11.88
C ASP B 10 -47.18 28.83 12.02
N ASP B 11 -47.82 28.25 13.05
CA ASP B 11 -49.26 28.44 13.23
C ASP B 11 -49.62 29.90 13.48
N SER B 12 -48.71 30.67 14.09
CA SER B 12 -48.86 32.08 14.40
C SER B 12 -48.76 33.00 13.19
N PHE B 13 -48.46 32.51 11.99
CA PHE B 13 -48.01 33.41 10.92
C PHE B 13 -49.15 34.26 10.37
N ASP B 14 -50.27 33.62 10.00
CA ASP B 14 -51.34 34.33 9.31
C ASP B 14 -51.84 35.53 10.10
N THR B 15 -51.96 35.39 11.43
CA THR B 15 -52.55 36.47 12.22
C THR B 15 -51.57 37.62 12.41
N ASP B 16 -50.29 37.32 12.62
CA ASP B 16 -49.37 38.35 13.06
C ASP B 16 -48.68 39.10 11.95
N VAL B 17 -48.56 38.53 10.75
CA VAL B 17 -47.87 39.19 9.65
C VAL B 17 -48.76 39.33 8.42
N LEU B 18 -49.46 38.27 8.03
CA LEU B 18 -50.31 38.35 6.84
C LEU B 18 -51.47 39.32 7.05
N LYS B 19 -52.33 39.02 8.01
CA LYS B 19 -53.47 39.88 8.33
C LYS B 19 -53.06 40.91 9.38
N ALA B 20 -52.02 41.67 9.05
CA ALA B 20 -51.43 42.65 9.95
C ALA B 20 -51.36 44.01 9.27
N ASP B 21 -51.63 45.07 10.04
CA ASP B 21 -51.68 46.42 9.50
C ASP B 21 -50.27 47.01 9.44
N GLY B 22 -50.00 47.79 8.40
CA GLY B 22 -48.68 48.34 8.21
C GLY B 22 -47.74 47.40 7.48
N ALA B 23 -46.48 47.86 7.37
CA ALA B 23 -45.43 47.13 6.69
C ALA B 23 -44.60 46.38 7.72
N ILE B 24 -44.33 45.10 7.47
CA ILE B 24 -43.64 44.24 8.43
C ILE B 24 -42.46 43.53 7.78
N LEU B 25 -41.33 43.48 8.49
CA LEU B 25 -40.09 42.87 8.01
C LEU B 25 -39.85 41.55 8.74
N VAL B 26 -39.83 40.45 8.00
CA VAL B 26 -39.79 39.10 8.56
C VAL B 26 -38.41 38.51 8.31
N ASP B 27 -37.71 38.17 9.41
CA ASP B 27 -36.36 37.61 9.38
C ASP B 27 -36.44 36.09 9.52
N PHE B 28 -36.09 35.35 8.46
CA PHE B 28 -36.05 33.89 8.61
C PHE B 28 -34.65 33.49 9.04
N TRP B 29 -34.47 33.16 10.32
CA TRP B 29 -33.14 32.92 10.86
C TRP B 29 -33.06 31.54 11.50
N ALA B 30 -31.84 31.13 11.85
CA ALA B 30 -31.60 29.84 12.47
C ALA B 30 -30.37 29.95 13.37
N GLU B 31 -30.34 29.12 14.42
CA GLU B 31 -29.26 29.23 15.40
C GLU B 31 -27.95 28.75 14.81
N TRP B 32 -28.01 27.85 13.83
CA TRP B 32 -26.84 27.24 13.23
C TRP B 32 -26.26 28.03 12.07
N CYS B 33 -26.92 29.10 11.63
CA CYS B 33 -26.39 29.91 10.53
C CYS B 33 -25.76 31.15 11.15
N GLY B 34 -24.43 31.19 11.14
CA GLY B 34 -23.67 32.31 11.64
C GLY B 34 -24.09 33.64 11.04
N PRO B 35 -24.17 33.72 9.71
CA PRO B 35 -24.68 34.95 9.08
C PRO B 35 -26.09 35.31 9.51
N SER B 36 -26.90 34.35 9.96
CA SER B 36 -28.18 34.73 10.53
C SER B 36 -27.99 35.52 11.82
N LYS B 37 -27.37 34.90 12.82
CA LYS B 37 -27.09 35.59 14.09
C LYS B 37 -26.31 36.88 13.88
N MET B 38 -25.64 37.02 12.73
CA MET B 38 -24.77 38.17 12.47
C MET B 38 -25.59 39.47 12.37
N ILE B 39 -26.75 39.42 11.70
CA ILE B 39 -27.56 40.61 11.49
C ILE B 39 -28.52 40.89 12.63
N ALA B 40 -28.58 40.02 13.64
CA ALA B 40 -29.56 40.18 14.72
C ALA B 40 -29.47 41.52 15.46
N PRO B 41 -28.30 42.01 15.86
CA PRO B 41 -28.27 43.34 16.52
C PRO B 41 -28.68 44.47 15.60
N ILE B 42 -28.35 44.36 14.30
CA ILE B 42 -28.80 45.37 13.35
C ILE B 42 -30.33 45.39 13.30
N LEU B 43 -30.96 44.22 13.34
CA LEU B 43 -32.42 44.16 13.32
C LEU B 43 -33.01 44.69 14.62
N ASP B 44 -32.36 44.42 15.75
CA ASP B 44 -32.80 45.05 17.00
C ASP B 44 -32.78 46.58 16.89
N GLU B 45 -31.63 47.12 16.48
CA GLU B 45 -31.51 48.57 16.38
C GLU B 45 -32.49 49.15 15.37
N ILE B 46 -32.85 48.41 14.33
CA ILE B 46 -33.84 48.93 13.40
C ILE B 46 -35.24 48.87 14.00
N ALA B 47 -35.55 47.81 14.76
CA ALA B 47 -36.82 47.77 15.49
C ALA B 47 -36.96 49.01 16.35
N ASP B 48 -35.85 49.48 16.93
CA ASP B 48 -35.87 50.75 17.65
C ASP B 48 -36.05 51.94 16.69
N GLU B 49 -35.12 52.09 15.74
CA GLU B 49 -34.96 53.34 15.00
C GLU B 49 -36.06 53.58 13.98
N TYR B 50 -36.68 52.53 13.46
CA TYR B 50 -37.80 52.66 12.53
C TYR B 50 -39.14 52.42 13.22
N GLN B 51 -39.24 52.81 14.49
CA GLN B 51 -40.46 52.64 15.26
C GLN B 51 -41.62 53.36 14.59
N GLY B 52 -42.81 52.79 14.73
CA GLY B 52 -43.99 53.36 14.10
C GLY B 52 -44.10 53.11 12.61
N LYS B 53 -42.98 53.29 11.88
CA LYS B 53 -42.97 53.08 10.44
C LYS B 53 -43.06 51.59 10.09
N LEU B 54 -42.64 50.71 10.99
CA LEU B 54 -42.51 49.29 10.70
C LEU B 54 -42.20 48.56 11.99
N THR B 55 -42.68 47.33 12.09
CA THR B 55 -42.29 46.42 13.15
C THR B 55 -41.59 45.24 12.48
N VAL B 56 -40.43 44.86 13.00
CA VAL B 56 -39.69 43.71 12.51
C VAL B 56 -40.16 42.46 13.25
N ALA B 57 -39.92 41.30 12.65
CA ALA B 57 -40.49 40.07 13.19
C ALA B 57 -39.65 38.87 12.77
N LYS B 58 -39.05 38.19 13.73
CA LYS B 58 -38.19 37.04 13.48
C LYS B 58 -38.99 35.75 13.37
N LEU B 59 -38.36 34.71 12.83
CA LEU B 59 -38.94 33.36 12.77
C LEU B 59 -37.81 32.35 12.71
N ASN B 60 -37.59 31.62 13.80
CA ASN B 60 -36.61 30.54 13.77
C ASN B 60 -37.16 29.39 12.94
N ILE B 61 -36.45 29.07 11.86
CA ILE B 61 -36.86 28.03 10.92
C ILE B 61 -36.52 26.62 11.39
N ASP B 62 -35.75 26.49 12.48
CA ASP B 62 -35.52 25.15 13.03
C ASP B 62 -36.76 24.64 13.74
N GLN B 63 -37.31 25.45 14.64
CA GLN B 63 -38.54 25.11 15.33
C GLN B 63 -39.79 25.43 14.52
N ASN B 64 -39.65 25.97 13.33
CA ASN B 64 -40.78 26.39 12.51
C ASN B 64 -40.44 26.09 11.06
N PRO B 65 -40.39 24.80 10.69
CA PRO B 65 -39.95 24.43 9.35
C PRO B 65 -41.02 24.58 8.28
N GLY B 66 -42.22 25.01 8.64
CA GLY B 66 -43.33 24.97 7.71
C GLY B 66 -43.47 26.16 6.79
N THR B 67 -43.31 27.37 7.32
CA THR B 67 -43.66 28.56 6.55
C THR B 67 -42.57 29.01 5.59
N ALA B 68 -41.31 28.62 5.78
CA ALA B 68 -40.29 29.06 4.85
C ALA B 68 -40.47 28.50 3.43
N PRO B 69 -40.79 27.20 3.26
CA PRO B 69 -41.00 26.71 1.89
C PRO B 69 -42.13 27.39 1.15
N LYS B 70 -43.17 27.83 1.86
CA LYS B 70 -44.30 28.48 1.19
C LYS B 70 -43.87 29.71 0.39
N TYR B 71 -42.75 30.33 0.74
CA TYR B 71 -42.31 31.59 0.13
C TYR B 71 -41.02 31.46 -0.66
N GLY B 72 -40.61 30.24 -0.97
CA GLY B 72 -39.49 30.03 -1.86
C GLY B 72 -38.15 30.47 -1.31
N ILE B 73 -38.00 30.45 0.01
CA ILE B 73 -36.75 30.80 0.65
C ILE B 73 -35.67 29.83 0.16
N ARG B 74 -34.60 30.38 -0.44
CA ARG B 74 -33.51 29.52 -0.88
C ARG B 74 -32.21 29.79 -0.16
N GLY B 75 -32.08 30.92 0.55
CA GLY B 75 -30.91 31.18 1.36
C GLY B 75 -31.30 31.68 2.73
N ILE B 76 -30.39 31.52 3.67
CA ILE B 76 -30.58 31.97 5.04
C ILE B 76 -29.39 32.84 5.43
N PRO B 77 -29.61 34.04 5.98
CA PRO B 77 -30.93 34.60 6.27
C PRO B 77 -31.58 35.21 5.04
N THR B 78 -32.91 35.25 5.06
CA THR B 78 -33.69 36.06 4.14
C THR B 78 -34.56 37.01 4.95
N LEU B 79 -34.54 38.27 4.58
CA LEU B 79 -35.49 39.26 5.09
C LEU B 79 -36.58 39.43 4.03
N LEU B 80 -37.84 39.28 4.44
CA LEU B 80 -38.98 39.50 3.54
C LEU B 80 -39.86 40.62 4.09
N LEU B 81 -40.07 41.65 3.29
CA LEU B 81 -40.93 42.77 3.65
C LEU B 81 -42.33 42.51 3.09
N PHE B 82 -43.30 42.29 3.98
CA PHE B 82 -44.69 42.08 3.63
C PHE B 82 -45.45 43.39 3.81
N LYS B 83 -46.33 43.68 2.85
CA LYS B 83 -47.28 44.80 2.91
C LYS B 83 -48.65 44.23 2.60
N ASN B 84 -49.48 44.07 3.62
CA ASN B 84 -50.88 43.63 3.47
C ASN B 84 -50.97 42.26 2.79
N GLY B 85 -50.43 41.26 3.47
CA GLY B 85 -50.68 39.88 3.10
C GLY B 85 -49.90 39.34 1.92
N GLU B 86 -49.26 40.19 1.12
CA GLU B 86 -48.43 39.71 0.02
C GLU B 86 -47.02 40.28 0.19
N VAL B 87 -46.04 39.53 -0.33
CA VAL B 87 -44.64 39.81 -0.07
C VAL B 87 -44.16 40.93 -1.01
N ALA B 88 -43.79 42.06 -0.42
CA ALA B 88 -43.38 43.22 -1.20
C ALA B 88 -41.92 43.14 -1.63
N ALA B 89 -41.01 43.02 -0.67
CA ALA B 89 -39.59 43.07 -0.96
C ALA B 89 -38.90 41.84 -0.39
N THR B 90 -37.75 41.50 -0.96
CA THR B 90 -36.95 40.39 -0.49
C THR B 90 -35.48 40.78 -0.49
N LYS B 91 -34.71 40.24 0.46
CA LYS B 91 -33.26 40.32 0.36
C LYS B 91 -32.61 39.19 1.13
N VAL B 92 -31.71 38.46 0.46
CA VAL B 92 -31.11 37.24 1.01
C VAL B 92 -29.66 37.51 1.36
N GLY B 93 -29.17 36.76 2.35
CA GLY B 93 -27.78 36.81 2.78
C GLY B 93 -27.52 37.83 3.88
N ALA B 94 -26.35 37.71 4.50
CA ALA B 94 -25.91 38.66 5.50
C ALA B 94 -25.62 40.01 4.87
N LEU B 95 -25.84 41.07 5.62
CA LEU B 95 -25.60 42.42 5.12
C LEU B 95 -25.32 43.34 6.30
N SER B 96 -24.84 44.54 5.98
CA SER B 96 -24.39 45.49 6.98
C SER B 96 -25.58 46.29 7.51
N LYS B 97 -25.32 47.06 8.57
CA LYS B 97 -26.33 48.01 9.05
C LYS B 97 -26.73 48.97 7.94
N GLY B 98 -25.75 49.49 7.20
CA GLY B 98 -26.04 50.50 6.19
C GLY B 98 -26.78 49.94 5.00
N GLN B 99 -26.36 48.78 4.49
CA GLN B 99 -27.08 48.17 3.37
C GLN B 99 -28.52 47.85 3.73
N LEU B 100 -28.77 47.44 4.98
CA LEU B 100 -30.14 47.15 5.39
C LEU B 100 -30.98 48.42 5.52
N LYS B 101 -30.42 49.49 6.09
CA LYS B 101 -31.25 50.67 6.22
C LYS B 101 -31.43 51.35 4.87
N GLU B 102 -30.47 51.22 3.95
CA GLU B 102 -30.72 51.59 2.56
C GLU B 102 -31.86 50.77 1.96
N PHE B 103 -31.82 49.45 2.18
CA PHE B 103 -32.88 48.54 1.73
C PHE B 103 -34.26 49.03 2.19
N LEU B 104 -34.41 49.25 3.49
CA LEU B 104 -35.71 49.65 4.03
C LEU B 104 -36.13 51.04 3.57
N ASP B 105 -35.18 51.98 3.45
CA ASP B 105 -35.53 53.29 2.91
C ASP B 105 -36.07 53.17 1.49
N ALA B 106 -35.34 52.48 0.61
CA ALA B 106 -35.66 52.52 -0.81
C ALA B 106 -36.80 51.60 -1.22
N ASN B 107 -37.13 50.58 -0.42
CA ASN B 107 -38.22 49.66 -0.80
C ASN B 107 -39.55 49.97 -0.15
N LEU B 108 -39.56 50.70 0.97
CA LEU B 108 -40.77 50.80 1.77
C LEU B 108 -41.66 51.98 1.36
N ALA B 109 -41.04 53.08 0.90
CA ALA B 109 -41.76 54.26 0.44
C ALA B 109 -42.65 54.90 1.52
N PHE C 4 -10.45 -1.07 -8.28
CA PHE C 4 -9.90 0.09 -7.59
C PHE C 4 -10.25 0.02 -6.10
N ASP C 5 -11.53 0.23 -5.78
CA ASP C 5 -12.06 0.05 -4.44
C ASP C 5 -13.15 -1.01 -4.51
N LYS C 6 -13.17 -1.93 -3.54
CA LYS C 6 -14.11 -3.05 -3.60
C LYS C 6 -15.58 -2.61 -3.52
N LYS C 7 -15.86 -1.32 -3.25
CA LYS C 7 -17.22 -0.86 -3.05
C LYS C 7 -18.00 -0.71 -4.36
N HIS C 8 -17.32 -0.54 -5.49
CA HIS C 8 -18.05 -0.45 -6.75
C HIS C 8 -18.37 -1.82 -7.33
N LEU C 9 -18.04 -2.89 -6.63
CA LEU C 9 -18.47 -4.21 -7.06
C LEU C 9 -19.80 -4.55 -6.42
N VAL C 10 -20.27 -5.77 -6.65
CA VAL C 10 -21.35 -6.29 -5.85
C VAL C 10 -20.84 -6.43 -4.43
N SER C 11 -21.73 -6.23 -3.48
CA SER C 11 -21.40 -6.41 -2.09
C SER C 11 -21.26 -7.89 -1.77
N PRO C 12 -20.37 -8.25 -0.83
CA PRO C 12 -20.21 -9.67 -0.48
C PRO C 12 -21.53 -10.35 -0.14
N ALA C 13 -22.42 -9.64 0.52
CA ALA C 13 -23.70 -10.23 0.91
C ALA C 13 -24.60 -10.47 -0.29
N ASP C 14 -24.44 -9.71 -1.37
CA ASP C 14 -25.30 -9.89 -2.53
C ASP C 14 -24.71 -10.80 -3.59
N ALA C 15 -23.45 -11.19 -3.47
CA ALA C 15 -22.84 -11.98 -4.52
C ALA C 15 -23.55 -13.33 -4.64
N LEU C 16 -23.55 -13.88 -5.85
CA LEU C 16 -24.21 -15.16 -6.09
C LEU C 16 -23.50 -16.28 -5.34
N PRO C 17 -24.24 -17.28 -4.83
CA PRO C 17 -23.61 -18.26 -3.94
C PRO C 17 -22.71 -19.25 -4.66
N GLY C 18 -22.95 -19.52 -5.95
CA GLY C 18 -22.08 -20.41 -6.69
C GLY C 18 -22.22 -21.85 -6.22
N ARG C 19 -21.34 -22.70 -6.76
CA ARG C 19 -21.28 -24.10 -6.34
C ARG C 19 -19.85 -24.46 -5.97
N ASN C 20 -19.70 -25.60 -5.29
CA ASN C 20 -18.41 -26.04 -4.76
C ASN C 20 -17.68 -27.00 -5.68
N THR C 21 -18.31 -27.50 -6.72
CA THR C 21 -17.67 -28.42 -7.64
C THR C 21 -17.08 -27.66 -8.82
N PRO C 22 -15.83 -27.94 -9.20
CA PRO C 22 -15.14 -27.12 -10.22
C PRO C 22 -15.60 -27.38 -11.64
N MET C 23 -15.45 -26.34 -12.45
CA MET C 23 -15.74 -26.41 -13.87
C MET C 23 -14.94 -27.53 -14.52
N PRO C 24 -15.56 -28.35 -15.38
CA PRO C 24 -14.77 -29.31 -16.15
C PRO C 24 -13.82 -28.61 -17.11
N VAL C 25 -12.57 -29.04 -17.12
CA VAL C 25 -11.51 -28.42 -17.91
C VAL C 25 -10.92 -29.47 -18.85
N ALA C 26 -10.72 -29.10 -20.11
CA ALA C 26 -10.11 -30.04 -21.04
C ALA C 26 -8.66 -30.33 -20.64
N THR C 27 -8.13 -31.43 -21.16
CA THR C 27 -6.80 -31.85 -20.78
C THR C 27 -5.71 -31.03 -21.47
N LEU C 28 -5.86 -30.76 -22.76
CA LEU C 28 -4.86 -30.07 -23.54
C LEU C 28 -5.34 -28.70 -23.99
N HIS C 29 -4.39 -27.77 -24.12
CA HIS C 29 -4.64 -26.51 -24.79
C HIS C 29 -4.96 -26.73 -26.28
N ALA C 30 -5.95 -26.01 -26.79
CA ALA C 30 -6.44 -26.29 -28.15
C ALA C 30 -5.45 -25.91 -29.26
N VAL C 31 -4.45 -25.10 -28.97
CA VAL C 31 -3.53 -24.60 -29.98
C VAL C 31 -2.20 -25.34 -29.96
N ASN C 32 -1.60 -25.47 -28.76
CA ASN C 32 -0.25 -25.99 -28.64
C ASN C 32 -0.18 -27.38 -28.01
N GLY C 33 -1.30 -27.96 -27.62
CA GLY C 33 -1.25 -29.31 -27.08
C GLY C 33 -0.59 -29.41 -25.72
N HIS C 34 -0.46 -28.31 -25.01
CA HIS C 34 0.13 -28.36 -23.68
C HIS C 34 -0.96 -28.61 -22.66
N SER C 35 -0.52 -28.83 -21.43
CA SER C 35 -1.43 -29.15 -20.34
C SER C 35 -2.24 -27.92 -19.98
N MET C 36 -3.56 -28.07 -19.94
CA MET C 36 -4.35 -26.94 -19.49
C MET C 36 -4.10 -26.59 -18.02
N THR C 37 -3.47 -27.47 -17.25
CA THR C 37 -3.30 -27.19 -15.83
C THR C 37 -1.86 -27.24 -15.34
N ASN C 38 -1.05 -28.20 -15.79
CA ASN C 38 0.26 -28.39 -15.19
C ASN C 38 1.16 -27.18 -15.45
N VAL C 39 2.09 -26.97 -14.52
CA VAL C 39 3.14 -25.95 -14.64
C VAL C 39 4.48 -26.67 -14.65
N PRO C 40 5.12 -26.77 -15.82
CA PRO C 40 6.40 -27.49 -15.88
C PRO C 40 7.43 -26.86 -14.97
N ASP C 41 8.32 -27.70 -14.42
CA ASP C 41 9.32 -27.24 -13.47
C ASP C 41 10.08 -26.05 -14.00
N GLY C 42 10.23 -25.04 -13.16
CA GLY C 42 10.90 -23.82 -13.54
C GLY C 42 10.03 -22.78 -14.20
N MET C 43 8.77 -23.10 -14.48
CA MET C 43 7.83 -22.17 -15.08
C MET C 43 6.93 -21.54 -14.01
N GLU C 44 6.19 -20.51 -14.41
CA GLU C 44 5.40 -19.69 -13.49
C GLU C 44 4.05 -19.32 -14.09
N ILE C 45 3.18 -18.80 -13.22
CA ILE C 45 1.87 -18.30 -13.60
C ILE C 45 1.86 -16.79 -13.51
N ALA C 46 1.11 -16.17 -14.43
CA ALA C 46 0.67 -14.78 -14.37
C ALA C 46 -0.84 -14.76 -14.58
N ILE C 47 -1.52 -13.80 -13.95
CA ILE C 47 -2.97 -13.67 -14.08
C ILE C 47 -3.30 -12.22 -14.42
N PHE C 48 -4.03 -12.01 -15.51
CA PHE C 48 -4.37 -10.64 -15.92
C PHE C 48 -5.84 -10.56 -16.30
N ALA C 49 -6.40 -9.36 -16.19
CA ALA C 49 -7.73 -9.07 -16.73
C ALA C 49 -7.60 -7.85 -17.63
N MET C 50 -8.03 -7.98 -18.89
CA MET C 50 -7.85 -6.91 -19.85
C MET C 50 -9.12 -6.64 -20.65
N GLY C 51 -10.28 -7.05 -20.15
CA GLY C 51 -11.51 -6.93 -20.89
C GLY C 51 -12.00 -8.28 -21.37
N ALA C 52 -12.93 -8.23 -22.34
CA ALA C 52 -13.49 -9.46 -22.90
C ALA C 52 -12.36 -10.41 -23.22
N PHE C 53 -12.45 -11.63 -22.73
CA PHE C 53 -11.25 -12.39 -22.47
C PHE C 53 -10.84 -13.32 -23.62
N TRP C 54 -11.66 -13.42 -24.67
CA TRP C 54 -11.29 -14.16 -25.87
C TRP C 54 -10.02 -13.61 -26.52
N GLY C 55 -10.10 -12.36 -27.00
CA GLY C 55 -8.95 -11.73 -27.61
C GLY C 55 -7.74 -11.69 -26.71
N VAL C 56 -7.96 -11.59 -25.40
CA VAL C 56 -6.83 -11.50 -24.49
C VAL C 56 -6.11 -12.84 -24.42
N GLU C 57 -6.87 -13.93 -24.31
CA GLU C 57 -6.24 -15.24 -24.27
C GLU C 57 -5.43 -15.48 -25.53
N ARG C 58 -5.98 -15.12 -26.71
CA ARG C 58 -5.22 -15.29 -27.95
C ARG C 58 -3.97 -14.43 -27.95
N LEU C 59 -4.09 -13.16 -27.54
CA LEU C 59 -2.95 -12.28 -27.37
C LEU C 59 -1.82 -12.95 -26.58
N PHE C 60 -2.16 -13.68 -25.53
CA PHE C 60 -1.05 -14.25 -24.77
C PHE C 60 -0.54 -15.59 -25.30
N TRP C 61 -1.41 -16.49 -25.80
CA TRP C 61 -0.85 -17.79 -26.19
C TRP C 61 0.07 -17.69 -27.41
N GLN C 62 -0.01 -16.59 -28.16
CA GLN C 62 0.86 -16.37 -29.32
C GLN C 62 2.25 -15.89 -28.94
N LEU C 63 2.48 -15.53 -27.68
CA LEU C 63 3.81 -15.05 -27.31
C LEU C 63 4.76 -16.22 -27.14
N PRO C 64 5.92 -16.22 -27.81
CA PRO C 64 6.93 -17.24 -27.53
C PRO C 64 7.32 -17.23 -26.06
N GLY C 65 7.33 -18.41 -25.44
CA GLY C 65 7.63 -18.55 -24.04
C GLY C 65 6.42 -18.79 -23.17
N VAL C 66 5.22 -18.56 -23.69
CA VAL C 66 4.00 -18.87 -22.95
C VAL C 66 3.72 -20.36 -23.15
N TYR C 67 3.72 -21.12 -22.05
CA TYR C 67 3.41 -22.55 -22.13
C TYR C 67 1.93 -22.76 -22.34
N SER C 68 1.11 -22.09 -21.55
CA SER C 68 -0.31 -22.31 -21.69
C SER C 68 -1.08 -21.03 -21.39
N THR C 69 -2.31 -20.95 -21.90
CA THR C 69 -3.24 -19.90 -21.51
C THR C 69 -4.57 -20.54 -21.14
N ALA C 70 -5.37 -19.80 -20.36
CA ALA C 70 -6.70 -20.28 -20.02
C ALA C 70 -7.60 -19.09 -19.68
N ALA C 71 -8.83 -19.14 -20.21
CA ALA C 71 -9.83 -18.15 -19.87
C ALA C 71 -10.54 -18.51 -18.57
N GLY C 72 -10.84 -17.50 -17.76
CA GLY C 72 -11.51 -17.78 -16.50
C GLY C 72 -12.05 -16.55 -15.81
N TYR C 73 -12.37 -16.74 -14.53
CA TYR C 73 -13.06 -15.75 -13.72
C TYR C 73 -12.30 -15.58 -12.42
N THR C 74 -11.95 -14.36 -12.05
CA THR C 74 -11.23 -14.24 -10.79
C THR C 74 -11.40 -12.87 -10.17
N GLY C 75 -11.04 -12.78 -8.90
CA GLY C 75 -11.05 -11.54 -8.17
C GLY C 75 -12.35 -11.17 -7.52
N GLY C 76 -13.39 -11.98 -7.68
CA GLY C 76 -14.70 -11.72 -7.15
C GLY C 76 -14.96 -12.51 -5.89
N TYR C 77 -16.24 -12.86 -5.68
CA TYR C 77 -16.68 -13.55 -4.47
C TYR C 77 -17.22 -14.93 -4.76
N THR C 78 -17.93 -15.08 -5.86
CA THR C 78 -18.66 -16.31 -6.15
C THR C 78 -17.72 -17.46 -6.50
N PRO C 79 -17.78 -18.59 -5.79
CA PRO C 79 -16.93 -19.74 -6.14
C PRO C 79 -17.50 -20.52 -7.32
N ASN C 80 -16.62 -20.84 -8.28
CA ASN C 80 -16.91 -21.69 -9.44
C ASN C 80 -18.07 -21.15 -10.26
N PRO C 81 -18.00 -19.90 -10.72
CA PRO C 81 -19.16 -19.29 -11.38
C PRO C 81 -19.33 -19.83 -12.81
N THR C 82 -20.46 -19.50 -13.40
CA THR C 82 -20.75 -19.73 -14.81
C THR C 82 -20.68 -18.42 -15.58
N TYR C 83 -20.56 -18.52 -16.90
CA TYR C 83 -20.46 -17.30 -17.68
C TYR C 83 -21.70 -16.42 -17.48
N ARG C 84 -22.89 -17.03 -17.42
CA ARG C 84 -24.10 -16.25 -17.15
C ARG C 84 -23.91 -15.44 -15.88
N GLU C 85 -23.54 -16.14 -14.80
CA GLU C 85 -23.40 -15.52 -13.50
C GLU C 85 -22.41 -14.36 -13.55
N VAL C 86 -21.24 -14.57 -14.14
CA VAL C 86 -20.28 -13.48 -14.20
C VAL C 86 -20.85 -12.32 -15.00
N ALA C 87 -21.57 -12.62 -16.08
CA ALA C 87 -22.11 -11.57 -16.94
C ALA C 87 -23.18 -10.75 -16.23
N SER C 88 -23.86 -11.34 -15.26
CA SER C 88 -24.84 -10.58 -14.50
C SER C 88 -24.22 -9.47 -13.68
N GLY C 89 -22.90 -9.50 -13.49
CA GLY C 89 -22.22 -8.61 -12.59
C GLY C 89 -22.29 -9.00 -11.12
N ASP C 90 -23.09 -10.00 -10.77
CA ASP C 90 -23.34 -10.32 -9.37
C ASP C 90 -22.33 -11.31 -8.79
N THR C 91 -21.26 -11.62 -9.51
CA THR C 91 -20.18 -12.45 -8.98
C THR C 91 -19.02 -11.64 -8.43
N GLY C 92 -18.86 -10.39 -8.86
CA GLY C 92 -17.70 -9.59 -8.52
C GLY C 92 -16.43 -9.96 -9.26
N HIS C 93 -16.41 -11.07 -9.98
CA HIS C 93 -15.20 -11.49 -10.71
C HIS C 93 -14.96 -10.59 -11.89
N ALA C 94 -13.77 -10.71 -12.44
CA ALA C 94 -13.41 -10.15 -13.73
C ALA C 94 -13.09 -11.30 -14.68
N GLU C 95 -13.50 -11.11 -15.95
CA GLU C 95 -13.05 -12.00 -17.02
C GLU C 95 -11.55 -11.84 -17.13
N ALA C 96 -10.83 -12.93 -16.87
CA ALA C 96 -9.39 -12.88 -16.75
C ALA C 96 -8.79 -14.06 -17.49
N VAL C 97 -7.48 -14.06 -17.56
CA VAL C 97 -6.72 -15.06 -18.29
C VAL C 97 -5.51 -15.46 -17.43
N ARG C 98 -5.27 -16.77 -17.37
CA ARG C 98 -4.23 -17.42 -16.58
C ARG C 98 -3.16 -17.92 -17.53
N ILE C 99 -1.92 -17.49 -17.31
CA ILE C 99 -0.82 -17.66 -18.25
C ILE C 99 0.30 -18.43 -17.55
N VAL C 100 0.68 -19.57 -18.13
CA VAL C 100 1.86 -20.31 -17.69
C VAL C 100 2.96 -20.01 -18.68
N TYR C 101 4.05 -19.43 -18.17
CA TYR C 101 5.17 -18.95 -18.99
C TYR C 101 6.49 -19.39 -18.36
N ASP C 102 7.53 -19.38 -19.20
CA ASP C 102 8.89 -19.71 -18.81
C ASP C 102 9.71 -18.44 -18.61
N PRO C 103 10.13 -18.11 -17.39
CA PRO C 103 10.88 -16.86 -17.19
C PRO C 103 12.18 -16.82 -17.96
N SER C 104 12.71 -17.98 -18.34
CA SER C 104 13.93 -18.09 -19.10
C SER C 104 13.76 -17.63 -20.55
N VAL C 105 12.52 -17.57 -21.04
CA VAL C 105 12.23 -17.17 -22.41
C VAL C 105 11.45 -15.86 -22.49
N ILE C 106 10.43 -15.71 -21.65
CA ILE C 106 9.72 -14.45 -21.53
C ILE C 106 9.64 -14.09 -20.06
N SER C 107 9.89 -12.82 -19.73
CA SER C 107 9.95 -12.33 -18.36
C SER C 107 8.64 -11.68 -17.96
N TYR C 108 8.46 -11.53 -16.64
CA TYR C 108 7.25 -10.87 -16.16
C TYR C 108 7.18 -9.42 -16.64
N GLU C 109 8.32 -8.76 -16.76
CA GLU C 109 8.32 -7.37 -17.22
C GLU C 109 7.72 -7.28 -18.63
N GLN C 110 8.07 -8.23 -19.50
CA GLN C 110 7.55 -8.25 -20.87
C GLN C 110 6.05 -8.53 -20.91
N LEU C 111 5.58 -9.49 -20.09
CA LEU C 111 4.15 -9.71 -19.97
C LEU C 111 3.46 -8.43 -19.55
N LEU C 112 4.07 -7.67 -18.64
CA LEU C 112 3.51 -6.40 -18.21
C LEU C 112 3.45 -5.40 -19.37
N GLN C 113 4.49 -5.37 -20.20
CA GLN C 113 4.47 -4.48 -21.36
C GLN C 113 3.28 -4.83 -22.26
N VAL C 114 3.10 -6.13 -22.51
CA VAL C 114 1.97 -6.59 -23.31
C VAL C 114 0.65 -6.12 -22.70
N PHE C 115 0.50 -6.37 -21.40
CA PHE C 115 -0.65 -5.89 -20.64
C PHE C 115 -0.94 -4.42 -20.93
N TRP C 116 -0.01 -3.56 -20.57
CA TRP C 116 -0.32 -2.14 -20.65
C TRP C 116 -0.53 -1.70 -22.09
N GLU C 117 0.04 -2.42 -23.05
CA GLU C 117 -0.08 -1.97 -24.44
C GLU C 117 -1.42 -2.38 -25.07
N ASN C 118 -2.01 -3.49 -24.66
CA ASN C 118 -3.11 -4.05 -25.44
C ASN C 118 -4.49 -3.89 -24.80
N HIS C 119 -4.65 -2.99 -23.83
CA HIS C 119 -5.97 -2.56 -23.39
C HIS C 119 -5.86 -1.16 -22.81
N ASP C 120 -7.03 -0.57 -22.52
CA ASP C 120 -7.09 0.77 -21.97
C ASP C 120 -7.26 0.73 -20.46
N PRO C 121 -6.22 1.04 -19.67
CA PRO C 121 -6.28 0.79 -18.22
C PRO C 121 -6.95 1.88 -17.43
N ALA C 122 -7.69 2.76 -18.11
CA ALA C 122 -8.27 3.94 -17.49
C ALA C 122 -9.72 4.11 -17.86
N GLN C 123 -10.43 3.01 -18.07
CA GLN C 123 -11.83 3.06 -18.44
C GLN C 123 -12.77 2.66 -17.31
N GLY C 124 -12.28 2.42 -16.12
CA GLY C 124 -13.20 2.08 -15.05
C GLY C 124 -13.85 0.72 -15.26
N MET C 125 -15.17 0.67 -15.10
CA MET C 125 -15.92 -0.59 -15.19
C MET C 125 -16.42 -0.88 -16.60
N ARG C 126 -15.51 -0.81 -17.56
CA ARG C 126 -15.77 -1.23 -18.93
C ARG C 126 -14.41 -1.42 -19.59
N GLN C 127 -14.43 -2.02 -20.78
CA GLN C 127 -13.26 -2.10 -21.65
C GLN C 127 -13.75 -2.22 -23.07
N GLY C 128 -13.43 -1.22 -23.87
CA GLY C 128 -13.93 -1.17 -25.22
C GLY C 128 -15.43 -0.91 -25.22
N ASN C 129 -16.15 -1.70 -26.00
CA ASN C 129 -17.59 -1.57 -26.08
C ASN C 129 -18.33 -2.41 -25.05
N ASP C 130 -17.61 -3.09 -24.16
CA ASP C 130 -18.18 -4.03 -23.21
C ASP C 130 -18.26 -3.33 -21.86
N HIS C 131 -19.46 -3.25 -21.30
CA HIS C 131 -19.69 -2.55 -20.03
C HIS C 131 -19.97 -3.56 -18.94
N GLY C 132 -19.45 -3.29 -17.75
CA GLY C 132 -19.65 -4.13 -16.58
C GLY C 132 -18.37 -4.34 -15.80
N THR C 133 -18.51 -4.60 -14.51
CA THR C 133 -17.35 -4.85 -13.66
C THR C 133 -16.59 -6.12 -14.05
N GLN C 134 -17.21 -6.99 -14.85
CA GLN C 134 -16.50 -8.19 -15.26
C GLN C 134 -15.51 -7.90 -16.37
N TYR C 135 -15.44 -6.66 -16.85
CA TYR C 135 -14.50 -6.25 -17.88
C TYR C 135 -13.41 -5.32 -17.35
N ARG C 136 -13.29 -5.19 -16.04
CA ARG C 136 -12.38 -4.22 -15.46
C ARG C 136 -10.92 -4.64 -15.68
N SER C 137 -10.03 -3.65 -15.53
CA SER C 137 -8.60 -3.88 -15.69
C SER C 137 -8.00 -4.28 -14.35
N ALA C 138 -7.19 -5.35 -14.36
CA ALA C 138 -6.63 -5.82 -13.09
C ALA C 138 -5.37 -6.63 -13.34
N ILE C 139 -4.45 -6.56 -12.35
CA ILE C 139 -3.26 -7.40 -12.27
C ILE C 139 -3.33 -8.14 -10.95
N TYR C 140 -3.09 -9.45 -10.99
CA TYR C 140 -3.23 -10.30 -9.81
C TYR C 140 -1.91 -11.02 -9.51
N PRO C 141 -1.00 -10.38 -8.78
CA PRO C 141 0.30 -11.01 -8.49
C PRO C 141 0.16 -12.26 -7.62
N LEU C 142 1.00 -13.24 -7.91
CA LEU C 142 1.08 -14.49 -7.18
C LEU C 142 2.32 -14.60 -6.31
N THR C 143 3.29 -13.72 -6.51
CA THR C 143 4.54 -13.64 -5.75
C THR C 143 4.82 -12.18 -5.40
N PRO C 144 5.58 -11.95 -4.32
CA PRO C 144 6.00 -10.57 -4.02
C PRO C 144 6.77 -9.91 -5.16
N GLU C 145 7.58 -10.69 -5.90
CA GLU C 145 8.37 -10.10 -6.99
C GLU C 145 7.47 -9.55 -8.06
N GLN C 146 6.44 -10.31 -8.45
CA GLN C 146 5.41 -9.79 -9.34
C GLN C 146 4.66 -8.60 -8.75
N ASP C 147 4.34 -8.64 -7.46
CA ASP C 147 3.62 -7.50 -6.91
C ASP C 147 4.41 -6.22 -7.09
N ALA C 148 5.69 -6.26 -6.71
CA ALA C 148 6.54 -5.10 -6.92
C ALA C 148 6.58 -4.70 -8.39
N ALA C 149 6.85 -5.67 -9.28
CA ALA C 149 6.99 -5.34 -10.70
C ALA C 149 5.72 -4.70 -11.26
N ALA C 150 4.56 -5.25 -10.91
CA ALA C 150 3.32 -4.75 -11.45
C ALA C 150 3.01 -3.35 -10.92
N ARG C 151 3.23 -3.11 -9.62
CA ARG C 151 2.88 -1.79 -9.10
C ARG C 151 3.80 -0.71 -9.66
N ALA C 152 5.10 -1.02 -9.78
CA ALA C 152 6.00 -0.07 -10.41
C ALA C 152 5.59 0.18 -11.86
N SER C 153 5.15 -0.87 -12.55
CA SER C 153 4.76 -0.66 -13.94
C SER C 153 3.53 0.24 -14.03
N LEU C 154 2.61 0.11 -13.08
CA LEU C 154 1.48 1.03 -13.06
C LEU C 154 1.97 2.46 -12.91
N GLU C 155 2.94 2.69 -12.02
CA GLU C 155 3.51 4.02 -11.88
C GLU C 155 3.98 4.55 -13.23
N ARG C 156 4.87 3.78 -13.85
CA ARG C 156 5.50 4.23 -15.09
C ARG C 156 4.47 4.48 -16.17
N PHE C 157 3.47 3.62 -16.28
CA PHE C 157 2.55 3.76 -17.39
C PHE C 157 1.61 4.94 -17.18
N GLN C 158 1.26 5.24 -15.93
CA GLN C 158 0.52 6.49 -15.71
C GLN C 158 1.34 7.68 -16.19
N ALA C 159 2.64 7.68 -15.91
CA ALA C 159 3.50 8.76 -16.37
C ALA C 159 3.51 8.84 -17.89
N ALA C 160 3.55 7.66 -18.54
CA ALA C 160 3.54 7.60 -20.00
C ALA C 160 2.25 8.19 -20.55
N MET C 161 1.13 7.86 -19.91
CA MET C 161 -0.15 8.43 -20.28
C MET C 161 -0.12 9.94 -20.20
N LEU C 162 0.46 10.48 -19.13
CA LEU C 162 0.57 11.93 -19.04
C LEU C 162 1.43 12.48 -20.18
N ALA C 163 2.52 11.78 -20.52
CA ALA C 163 3.37 12.22 -21.61
C ALA C 163 2.64 12.18 -22.97
N ALA C 164 1.74 11.23 -23.14
CA ALA C 164 0.87 11.19 -24.30
C ALA C 164 -0.30 12.14 -24.17
N ASP C 165 -0.22 13.07 -23.22
CA ASP C 165 -1.19 14.13 -22.96
C ASP C 165 -2.60 13.54 -22.77
N ASP C 166 -2.66 12.62 -21.82
CA ASP C 166 -3.88 11.92 -21.42
C ASP C 166 -4.07 12.20 -19.93
N ASP C 167 -5.17 12.84 -19.59
CA ASP C 167 -5.41 13.24 -18.21
C ASP C 167 -6.18 12.20 -17.40
N ARG C 168 -6.51 11.06 -17.98
CA ARG C 168 -7.27 10.08 -17.25
C ARG C 168 -6.37 9.31 -16.30
N HIS C 169 -6.94 8.94 -15.14
CA HIS C 169 -6.22 8.21 -14.12
C HIS C 169 -6.50 6.71 -14.25
N ILE C 170 -5.46 5.90 -14.03
CA ILE C 170 -5.57 4.46 -14.24
C ILE C 170 -6.55 3.85 -13.24
N THR C 171 -7.47 3.04 -13.76
CA THR C 171 -8.48 2.38 -12.94
C THR C 171 -8.13 0.92 -12.67
N THR C 172 -6.88 0.52 -12.91
CA THR C 172 -6.50 -0.88 -12.77
C THR C 172 -6.46 -1.30 -11.30
N GLU C 173 -7.08 -2.44 -11.02
CA GLU C 173 -6.97 -3.10 -9.72
C GLU C 173 -5.69 -3.93 -9.66
N ILE C 174 -4.98 -3.84 -8.52
CA ILE C 174 -3.88 -4.74 -8.22
C ILE C 174 -4.11 -5.32 -6.83
N ALA C 175 -4.29 -6.63 -6.76
CA ALA C 175 -4.54 -7.35 -5.52
C ALA C 175 -3.87 -8.71 -5.56
N ASN C 176 -3.53 -9.24 -4.37
CA ASN C 176 -3.01 -10.60 -4.32
C ASN C 176 -4.02 -11.56 -4.95
N ALA C 177 -3.51 -12.53 -5.68
CA ALA C 177 -4.37 -13.41 -6.44
C ALA C 177 -5.18 -14.31 -5.51
N THR C 178 -6.46 -14.44 -5.81
CA THR C 178 -7.38 -15.33 -5.13
C THR C 178 -7.66 -16.51 -6.06
N PRO C 179 -8.46 -17.52 -5.67
CA PRO C 179 -8.67 -18.66 -6.58
C PRO C 179 -9.07 -18.21 -7.96
N PHE C 180 -8.49 -18.89 -8.97
CA PHE C 180 -8.75 -18.64 -10.39
C PHE C 180 -9.68 -19.72 -10.90
N TYR C 181 -10.92 -19.35 -11.23
CA TYR C 181 -11.92 -20.31 -11.67
C TYR C 181 -11.92 -20.36 -13.19
N TYR C 182 -11.73 -21.55 -13.75
CA TYR C 182 -11.69 -21.72 -15.21
C TYR C 182 -13.07 -21.47 -15.82
N ALA C 183 -13.07 -20.90 -17.02
CA ALA C 183 -14.33 -20.74 -17.72
C ALA C 183 -14.74 -22.07 -18.36
N GLU C 184 -16.01 -22.12 -18.74
CA GLU C 184 -16.57 -23.23 -19.50
C GLU C 184 -15.66 -23.60 -20.68
N ASP C 185 -15.76 -24.86 -21.13
CA ASP C 185 -14.89 -25.36 -22.18
C ASP C 185 -15.05 -24.59 -23.50
N ASP C 186 -16.23 -24.01 -23.75
CA ASP C 186 -16.46 -23.27 -24.99
C ASP C 186 -15.52 -22.09 -25.12
N HIS C 187 -15.22 -21.43 -24.00
CA HIS C 187 -14.43 -20.22 -24.03
C HIS C 187 -12.95 -20.51 -24.10
N GLN C 188 -12.50 -21.71 -23.72
CA GLN C 188 -11.08 -21.99 -23.76
C GLN C 188 -10.60 -21.96 -25.22
N GLN C 189 -9.60 -21.11 -25.49
CA GLN C 189 -9.04 -20.95 -26.82
C GLN C 189 -10.14 -20.64 -27.84
N TYR C 190 -11.02 -19.71 -27.45
CA TYR C 190 -12.23 -19.44 -28.22
C TYR C 190 -11.91 -18.97 -29.64
N LEU C 191 -10.97 -18.02 -29.78
CA LEU C 191 -10.72 -17.47 -31.10
C LEU C 191 -9.96 -18.42 -32.00
N HIS C 192 -9.32 -19.44 -31.44
CA HIS C 192 -8.75 -20.49 -32.27
C HIS C 192 -9.82 -21.46 -32.75
N LYS C 193 -10.84 -21.69 -31.94
CA LYS C 193 -11.95 -22.55 -32.35
C LYS C 193 -12.89 -21.81 -33.28
N ASN C 194 -12.93 -20.48 -33.18
CA ASN C 194 -13.85 -19.64 -33.94
C ASN C 194 -13.05 -18.47 -34.47
N PRO C 195 -12.36 -18.64 -35.59
CA PRO C 195 -11.37 -17.63 -36.00
C PRO C 195 -11.95 -16.26 -36.24
N TYR C 196 -13.22 -16.18 -36.62
CA TYR C 196 -13.79 -14.93 -37.08
C TYR C 196 -14.58 -14.23 -35.99
N GLY C 197 -14.32 -14.57 -34.72
CA GLY C 197 -15.05 -14.02 -33.60
C GLY C 197 -14.45 -12.74 -33.02
N TYR C 198 -15.06 -12.29 -31.92
CA TYR C 198 -14.84 -10.96 -31.37
C TYR C 198 -13.53 -10.87 -30.58
N ALA C 199 -12.64 -9.98 -31.00
CA ALA C 199 -11.46 -9.61 -30.23
C ALA C 199 -11.41 -8.10 -30.11
N GLY C 200 -11.69 -7.59 -28.92
CA GLY C 200 -11.57 -6.17 -28.66
C GLY C 200 -10.36 -5.48 -29.26
N ILE C 201 -10.56 -4.31 -29.86
CA ILE C 201 -9.46 -3.36 -30.04
C ILE C 201 -8.81 -3.11 -28.70
N GLY C 202 -7.49 -3.01 -28.67
CA GLY C 202 -6.81 -2.77 -27.42
C GLY C 202 -5.93 -1.55 -27.48
N GLY C 203 -5.57 -1.06 -26.30
CA GLY C 203 -4.54 -0.04 -26.21
C GLY C 203 -4.83 1.38 -26.61
N ILE C 204 -4.25 2.30 -25.84
CA ILE C 204 -4.36 3.73 -26.07
C ILE C 204 -3.28 4.26 -27.00
N GLY C 205 -2.35 3.41 -27.43
CA GLY C 205 -1.37 3.80 -28.42
C GLY C 205 -0.03 4.21 -27.87
N VAL C 206 0.28 3.84 -26.62
CA VAL C 206 1.52 4.13 -25.93
C VAL C 206 2.05 2.85 -25.31
N CYS C 207 3.37 2.71 -25.22
CA CYS C 207 4.00 1.54 -24.65
C CYS C 207 4.91 1.96 -23.50
N LEU C 208 5.18 0.99 -22.65
CA LEU C 208 5.90 1.16 -21.40
C LEU C 208 7.38 0.93 -21.63
N PRO C 209 8.19 1.98 -21.72
CA PRO C 209 9.61 1.81 -22.02
C PRO C 209 10.31 1.03 -20.92
N PRO C 210 11.45 0.41 -21.21
CA PRO C 210 12.02 -0.53 -20.24
C PRO C 210 12.74 0.13 -19.08
N GLU C 211 12.70 -0.57 -17.94
CA GLU C 211 13.63 -0.50 -16.82
C GLU C 211 13.42 0.69 -15.89
N ALA C 212 12.52 1.63 -16.22
CA ALA C 212 12.45 2.89 -15.48
C ALA C 212 11.92 2.72 -14.06
N ASP D 5 -15.19 25.37 -14.89
CA ASP D 5 -13.98 24.56 -14.96
C ASP D 5 -13.98 23.67 -16.21
N LYS D 6 -13.01 23.92 -17.10
CA LYS D 6 -12.85 23.18 -18.35
C LYS D 6 -11.42 22.69 -18.48
N LYS D 7 -10.81 22.31 -17.36
CA LYS D 7 -9.40 21.88 -17.29
C LYS D 7 -8.49 22.73 -18.18
N HIS D 8 -8.60 24.04 -18.01
CA HIS D 8 -7.52 24.96 -18.38
C HIS D 8 -6.56 25.11 -17.20
N LEU D 9 -6.13 23.97 -16.71
CA LEU D 9 -5.03 23.83 -15.76
C LEU D 9 -3.77 23.66 -16.59
N VAL D 10 -2.65 23.34 -15.95
CA VAL D 10 -1.51 22.90 -16.74
C VAL D 10 -1.88 21.62 -17.50
N SER D 11 -1.36 21.48 -18.70
CA SER D 11 -1.63 20.30 -19.50
C SER D 11 -0.92 19.08 -18.90
N PRO D 12 -1.51 17.88 -19.02
CA PRO D 12 -0.87 16.69 -18.44
C PRO D 12 0.56 16.47 -18.91
N ALA D 13 0.83 16.71 -20.18
CA ALA D 13 2.17 16.48 -20.67
C ALA D 13 3.16 17.51 -20.14
N ASP D 14 2.69 18.69 -19.73
CA ASP D 14 3.58 19.71 -19.18
C ASP D 14 3.66 19.67 -17.66
N ALA D 15 2.84 18.86 -16.99
CA ALA D 15 2.87 18.83 -15.54
C ALA D 15 4.23 18.37 -15.05
N LEU D 16 4.58 18.80 -13.85
CA LEU D 16 5.85 18.41 -13.26
C LEU D 16 5.85 16.89 -13.05
N PRO D 17 6.97 16.22 -13.27
CA PRO D 17 6.93 14.75 -13.30
C PRO D 17 6.71 14.14 -11.93
N GLY D 18 7.07 14.83 -10.85
CA GLY D 18 6.78 14.30 -9.53
C GLY D 18 7.68 13.13 -9.18
N ARG D 19 7.09 12.12 -8.54
CA ARG D 19 7.87 11.29 -7.64
C ARG D 19 7.05 10.11 -7.16
N ASN D 20 7.68 8.94 -7.04
CA ASN D 20 6.95 7.82 -6.45
C ASN D 20 7.16 7.70 -4.94
N THR D 21 7.96 8.54 -4.32
CA THR D 21 8.14 8.32 -2.89
C THR D 21 6.99 8.97 -2.14
N PRO D 22 6.29 8.24 -1.25
CA PRO D 22 5.12 8.82 -0.60
C PRO D 22 5.55 9.74 0.53
N MET D 23 4.79 10.80 0.73
CA MET D 23 5.07 11.72 1.82
C MET D 23 5.04 11.00 3.16
N PRO D 24 6.04 11.18 4.02
CA PRO D 24 5.94 10.63 5.39
C PRO D 24 4.86 11.37 6.14
N VAL D 25 3.99 10.60 6.82
CA VAL D 25 2.83 11.14 7.52
C VAL D 25 2.97 10.77 8.97
N ALA D 26 2.70 11.72 9.86
CA ALA D 26 2.77 11.36 11.27
C ALA D 26 1.70 10.32 11.58
N THR D 27 1.84 9.63 12.70
CA THR D 27 0.89 8.56 12.99
C THR D 27 -0.42 9.10 13.54
N LEU D 28 -0.38 10.06 14.47
CA LEU D 28 -1.58 10.51 15.15
C LEU D 28 -1.96 11.91 14.69
N HIS D 29 -3.26 12.14 14.63
CA HIS D 29 -3.78 13.48 14.41
C HIS D 29 -3.36 14.39 15.55
N ALA D 30 -2.89 15.59 15.21
CA ALA D 30 -2.30 16.42 16.24
C ALA D 30 -3.31 16.94 17.27
N VAL D 31 -4.61 16.86 16.98
CA VAL D 31 -5.65 17.44 17.83
C VAL D 31 -6.35 16.39 18.67
N ASN D 32 -6.86 15.34 18.04
CA ASN D 32 -7.73 14.36 18.69
C ASN D 32 -7.04 13.03 18.91
N GLY D 33 -5.79 12.88 18.49
CA GLY D 33 -5.07 11.64 18.75
C GLY D 33 -5.56 10.46 17.96
N HIS D 34 -6.31 10.69 16.88
CA HIS D 34 -6.78 9.61 16.02
C HIS D 34 -5.76 9.33 14.92
N SER D 35 -6.02 8.26 14.15
CA SER D 35 -5.10 7.84 13.10
C SER D 35 -5.18 8.76 11.87
N MET D 36 -4.01 9.26 11.45
CA MET D 36 -3.92 10.10 10.27
C MET D 36 -4.23 9.34 8.98
N THR D 37 -4.25 8.03 9.02
CA THR D 37 -4.43 7.18 7.85
C THR D 37 -5.58 6.22 7.95
N ASN D 38 -5.82 5.62 9.11
CA ASN D 38 -6.82 4.58 9.24
C ASN D 38 -8.22 5.13 8.96
N VAL D 39 -9.08 4.27 8.42
CA VAL D 39 -10.49 4.58 8.25
C VAL D 39 -11.28 3.55 9.03
N PRO D 40 -11.78 3.90 10.20
CA PRO D 40 -12.50 2.92 11.03
C PRO D 40 -13.72 2.34 10.33
N ASP D 41 -14.07 1.11 10.70
CA ASP D 41 -15.23 0.45 10.14
C ASP D 41 -16.45 1.35 10.26
N GLY D 42 -17.22 1.45 9.20
CA GLY D 42 -18.41 2.27 9.23
C GLY D 42 -18.19 3.73 8.95
N MET D 43 -16.95 4.21 8.95
CA MET D 43 -16.67 5.59 8.57
C MET D 43 -16.19 5.63 7.12
N GLU D 44 -16.19 6.83 6.55
CA GLU D 44 -15.84 6.98 5.13
C GLU D 44 -15.06 8.28 4.92
N ILE D 45 -14.49 8.42 3.70
CA ILE D 45 -13.67 9.58 3.32
C ILE D 45 -14.53 10.57 2.55
N ALA D 46 -14.31 11.86 2.80
CA ALA D 46 -14.76 12.93 1.93
C ALA D 46 -13.60 13.89 1.71
N ILE D 47 -13.51 14.43 0.50
CA ILE D 47 -12.39 15.27 0.07
C ILE D 47 -12.92 16.59 -0.46
N PHE D 48 -12.37 17.70 0.04
CA PHE D 48 -12.82 19.00 -0.43
C PHE D 48 -11.64 19.91 -0.70
N ALA D 49 -11.83 20.88 -1.60
CA ALA D 49 -10.89 21.96 -1.83
C ALA D 49 -11.62 23.28 -1.66
N MET D 50 -11.13 24.12 -0.74
CA MET D 50 -11.81 25.36 -0.38
C MET D 50 -10.87 26.56 -0.30
N GLY D 51 -9.70 26.49 -0.91
CA GLY D 51 -8.69 27.51 -0.78
C GLY D 51 -7.54 27.05 0.10
N ALA D 52 -6.72 28.02 0.50
CA ALA D 52 -5.60 27.75 1.41
C ALA D 52 -6.06 26.90 2.59
N PHE D 53 -5.37 25.80 2.81
CA PHE D 53 -5.98 24.66 3.47
C PHE D 53 -5.75 24.60 4.98
N TRP D 54 -4.98 25.52 5.54
CA TRP D 54 -4.84 25.60 7.00
C TRP D 54 -6.19 25.86 7.68
N GLY D 55 -6.80 26.99 7.33
CA GLY D 55 -8.10 27.32 7.89
C GLY D 55 -9.15 26.28 7.58
N VAL D 56 -9.08 25.67 6.38
CA VAL D 56 -10.07 24.70 5.96
C VAL D 56 -9.96 23.42 6.80
N GLU D 57 -8.73 22.93 6.98
CA GLU D 57 -8.57 21.73 7.79
C GLU D 57 -9.08 21.98 9.20
N ARG D 58 -8.78 23.17 9.77
CA ARG D 58 -9.28 23.47 11.11
C ARG D 58 -10.80 23.49 11.13
N LEU D 59 -11.39 24.14 10.13
CA LEU D 59 -12.83 24.18 9.98
C LEU D 59 -13.44 22.80 10.16
N PHE D 60 -12.84 21.80 9.53
CA PHE D 60 -13.48 20.48 9.58
C PHE D 60 -13.13 19.71 10.85
N TRP D 61 -11.90 19.77 11.37
CA TRP D 61 -11.61 18.83 12.46
C TRP D 61 -12.40 19.16 13.72
N GLN D 62 -12.97 20.36 13.82
CA GLN D 62 -13.76 20.81 14.95
C GLN D 62 -15.21 20.31 14.93
N LEU D 63 -15.63 19.67 13.85
CA LEU D 63 -17.01 19.19 13.68
C LEU D 63 -17.23 17.88 14.41
N PRO D 64 -18.23 17.78 15.29
CA PRO D 64 -18.60 16.49 15.88
C PRO D 64 -18.95 15.48 14.81
N GLY D 65 -18.35 14.30 14.90
CA GLY D 65 -18.53 13.27 13.91
C GLY D 65 -17.36 13.09 12.96
N VAL D 66 -16.42 14.04 12.94
CA VAL D 66 -15.22 13.94 12.14
C VAL D 66 -14.18 13.10 12.88
N TYR D 67 -13.77 11.99 12.27
CA TYR D 67 -12.75 11.17 12.91
C TYR D 67 -11.38 11.82 12.78
N SER D 68 -10.99 12.16 11.56
CA SER D 68 -9.68 12.79 11.36
C SER D 68 -9.75 13.70 10.16
N THR D 69 -8.78 14.60 10.08
CA THR D 69 -8.54 15.45 8.94
C THR D 69 -7.06 15.42 8.58
N ALA D 70 -6.79 15.83 7.34
CA ALA D 70 -5.43 15.95 6.83
C ALA D 70 -5.40 16.96 5.69
N ALA D 71 -4.36 17.77 5.68
CA ALA D 71 -4.08 18.68 4.58
C ALA D 71 -3.31 17.94 3.48
N GLY D 72 -3.59 18.30 2.24
CA GLY D 72 -2.91 17.61 1.15
C GLY D 72 -3.17 18.27 -0.18
N TYR D 73 -2.86 17.52 -1.25
CA TYR D 73 -2.90 18.00 -2.63
C TYR D 73 -3.65 16.98 -3.48
N THR D 74 -4.65 17.43 -4.23
CA THR D 74 -5.34 16.46 -5.08
C THR D 74 -5.97 17.16 -6.28
N GLY D 75 -6.46 16.35 -7.21
CA GLY D 75 -7.12 16.88 -8.37
C GLY D 75 -6.21 17.23 -9.51
N GLY D 76 -4.89 17.06 -9.34
CA GLY D 76 -3.94 17.35 -10.38
C GLY D 76 -3.35 16.14 -11.07
N TYR D 77 -2.11 16.29 -11.53
CA TYR D 77 -1.40 15.29 -12.32
C TYR D 77 -0.11 14.82 -11.66
N THR D 78 0.61 15.70 -10.99
CA THR D 78 1.94 15.35 -10.48
C THR D 78 1.84 14.37 -9.31
N PRO D 79 2.46 13.20 -9.40
CA PRO D 79 2.39 12.23 -8.29
C PRO D 79 3.30 12.64 -7.14
N ASN D 80 2.75 12.66 -5.93
CA ASN D 80 3.54 12.90 -4.74
C ASN D 80 4.27 14.23 -4.78
N PRO D 81 3.55 15.34 -4.97
CA PRO D 81 4.22 16.64 -5.12
C PRO D 81 4.74 17.16 -3.79
N THR D 82 5.51 18.23 -3.87
CA THR D 82 5.88 19.01 -2.69
C THR D 82 5.08 20.30 -2.69
N TYR D 83 5.02 20.97 -1.53
CA TYR D 83 4.27 22.23 -1.49
C TYR D 83 4.83 23.22 -2.51
N ARG D 84 6.15 23.26 -2.64
CA ARG D 84 6.78 24.15 -3.61
C ARG D 84 6.28 23.84 -5.01
N GLU D 85 6.15 22.55 -5.33
CA GLU D 85 5.70 22.13 -6.64
C GLU D 85 4.27 22.56 -6.92
N VAL D 86 3.33 22.23 -6.02
CA VAL D 86 1.95 22.64 -6.28
C VAL D 86 1.87 24.17 -6.36
N ALA D 87 2.68 24.87 -5.57
CA ALA D 87 2.64 26.32 -5.54
C ALA D 87 3.12 26.93 -6.84
N SER D 88 3.95 26.21 -7.61
CA SER D 88 4.29 26.69 -8.94
C SER D 88 3.10 26.66 -9.88
N GLY D 89 2.01 26.00 -9.51
CA GLY D 89 0.89 25.77 -10.38
C GLY D 89 1.05 24.64 -11.38
N ASP D 90 2.25 24.09 -11.51
CA ASP D 90 2.56 23.13 -12.56
C ASP D 90 2.23 21.69 -12.18
N THR D 91 1.57 21.48 -11.06
CA THR D 91 1.10 20.14 -10.73
C THR D 91 -0.33 19.90 -11.17
N GLY D 92 -1.11 20.97 -11.36
CA GLY D 92 -2.53 20.90 -11.58
C GLY D 92 -3.36 20.66 -10.32
N HIS D 93 -2.71 20.35 -9.20
CA HIS D 93 -3.42 20.07 -7.97
C HIS D 93 -4.04 21.32 -7.36
N ALA D 94 -4.98 21.07 -6.44
CA ALA D 94 -5.52 22.05 -5.52
C ALA D 94 -5.19 21.63 -4.09
N GLU D 95 -4.89 22.62 -3.27
CA GLU D 95 -4.76 22.40 -1.83
C GLU D 95 -6.10 21.95 -1.29
N ALA D 96 -6.14 20.75 -0.76
CA ALA D 96 -7.39 20.15 -0.37
C ALA D 96 -7.22 19.53 1.01
N VAL D 97 -8.32 19.01 1.52
CA VAL D 97 -8.37 18.43 2.84
C VAL D 97 -9.15 17.11 2.77
N ARG D 98 -8.62 16.10 3.47
CA ARG D 98 -9.18 14.75 3.55
C ARG D 98 -9.84 14.58 4.91
N ILE D 99 -11.12 14.21 4.90
CA ILE D 99 -11.95 14.15 6.09
C ILE D 99 -12.40 12.71 6.24
N VAL D 100 -12.06 12.10 7.36
CA VAL D 100 -12.62 10.81 7.74
C VAL D 100 -13.72 11.13 8.72
N TYR D 101 -14.95 10.76 8.35
CA TYR D 101 -16.10 11.15 9.13
C TYR D 101 -17.04 9.94 9.28
N ASP D 102 -17.84 9.99 10.33
CA ASP D 102 -18.77 8.93 10.69
C ASP D 102 -20.16 9.31 10.22
N PRO D 103 -20.71 8.67 9.20
CA PRO D 103 -22.03 9.09 8.67
C PRO D 103 -23.17 8.92 9.66
N SER D 104 -23.02 8.06 10.67
CA SER D 104 -24.07 7.91 11.67
C SER D 104 -24.15 9.12 12.58
N VAL D 105 -23.15 9.99 12.56
CA VAL D 105 -23.07 11.15 13.42
C VAL D 105 -23.15 12.46 12.65
N ILE D 106 -22.46 12.55 11.52
CA ILE D 106 -22.54 13.70 10.62
C ILE D 106 -22.77 13.20 9.20
N SER D 107 -23.69 13.84 8.49
CA SER D 107 -24.04 13.36 7.16
C SER D 107 -23.21 14.06 6.10
N TYR D 108 -23.17 13.44 4.91
CA TYR D 108 -22.41 14.06 3.83
C TYR D 108 -23.01 15.41 3.47
N GLU D 109 -24.35 15.52 3.53
CA GLU D 109 -25.02 16.78 3.24
C GLU D 109 -24.61 17.89 4.22
N GLN D 110 -24.40 17.55 5.51
CA GLN D 110 -23.97 18.56 6.48
C GLN D 110 -22.56 19.05 6.14
N LEU D 111 -21.67 18.12 5.78
CA LEU D 111 -20.35 18.50 5.29
C LEU D 111 -20.46 19.40 4.06
N LEU D 112 -21.40 19.10 3.16
CA LEU D 112 -21.57 19.91 1.96
C LEU D 112 -21.98 21.33 2.31
N GLN D 113 -22.88 21.48 3.29
CA GLN D 113 -23.24 22.83 3.69
C GLN D 113 -22.07 23.57 4.34
N VAL D 114 -21.26 22.87 5.14
CA VAL D 114 -20.04 23.50 5.65
C VAL D 114 -19.20 24.02 4.48
N PHE D 115 -19.00 23.15 3.48
CA PHE D 115 -18.32 23.51 2.24
C PHE D 115 -18.86 24.81 1.65
N TRP D 116 -20.14 24.81 1.27
CA TRP D 116 -20.67 25.95 0.52
C TRP D 116 -20.69 27.23 1.36
N GLU D 117 -20.77 27.09 2.69
CA GLU D 117 -20.91 28.27 3.52
C GLU D 117 -19.58 28.94 3.82
N ASN D 118 -18.48 28.19 3.91
CA ASN D 118 -17.26 28.76 4.48
C ASN D 118 -16.18 29.10 3.46
N HIS D 119 -16.53 29.16 2.18
CA HIS D 119 -15.64 29.76 1.21
C HIS D 119 -16.49 30.32 0.08
N ASP D 120 -15.83 31.05 -0.82
CA ASP D 120 -16.48 31.71 -1.95
C ASP D 120 -16.33 30.82 -3.18
N PRO D 121 -17.40 30.19 -3.66
CA PRO D 121 -17.26 29.20 -4.73
C PRO D 121 -17.26 29.81 -6.13
N ALA D 122 -17.03 31.12 -6.26
CA ALA D 122 -17.18 31.73 -7.58
C ALA D 122 -16.02 32.66 -7.93
N GLN D 123 -14.82 32.38 -7.42
CA GLN D 123 -13.67 33.23 -7.70
C GLN D 123 -12.72 32.63 -8.74
N GLY D 124 -13.07 31.48 -9.30
CA GLY D 124 -12.22 30.85 -10.29
C GLY D 124 -10.96 30.29 -9.66
N MET D 125 -9.83 30.60 -10.27
CA MET D 125 -8.52 30.09 -9.85
C MET D 125 -7.90 31.03 -8.82
N ARG D 126 -8.68 31.32 -7.79
CA ARG D 126 -8.35 32.24 -6.72
C ARG D 126 -9.21 31.85 -5.51
N GLN D 127 -8.80 32.34 -4.34
CA GLN D 127 -9.64 32.27 -3.15
C GLN D 127 -9.14 33.32 -2.18
N GLY D 128 -9.94 34.35 -1.92
CA GLY D 128 -9.48 35.41 -1.06
C GLY D 128 -8.36 36.16 -1.72
N ASN D 129 -7.26 36.35 -0.99
CA ASN D 129 -6.06 36.99 -1.51
C ASN D 129 -5.11 36.03 -2.19
N ASP D 130 -5.46 34.75 -2.29
CA ASP D 130 -4.55 33.70 -2.75
C ASP D 130 -4.84 33.34 -4.20
N HIS D 131 -3.87 33.58 -5.07
CA HIS D 131 -4.05 33.42 -6.50
C HIS D 131 -3.31 32.19 -6.99
N GLY D 132 -3.97 31.44 -7.87
CA GLY D 132 -3.39 30.25 -8.45
C GLY D 132 -4.42 29.14 -8.53
N THR D 133 -4.24 28.27 -9.51
CA THR D 133 -5.18 27.16 -9.70
C THR D 133 -5.18 26.17 -8.55
N GLN D 134 -4.18 26.22 -7.68
CA GLN D 134 -4.14 25.36 -6.50
C GLN D 134 -5.02 25.86 -5.39
N TYR D 135 -5.67 27.01 -5.58
CA TYR D 135 -6.60 27.56 -4.60
C TYR D 135 -8.05 27.47 -5.09
N ARG D 136 -8.30 26.71 -6.16
CA ARG D 136 -9.64 26.64 -6.72
C ARG D 136 -10.58 25.85 -5.82
N SER D 137 -11.87 26.02 -6.07
CA SER D 137 -12.91 25.35 -5.30
C SER D 137 -13.23 24.03 -5.95
N ALA D 138 -13.31 22.96 -5.16
CA ALA D 138 -13.60 21.67 -5.77
C ALA D 138 -14.18 20.68 -4.77
N ILE D 139 -15.03 19.81 -5.29
CA ILE D 139 -15.58 18.66 -4.58
C ILE D 139 -15.21 17.43 -5.38
N TYR D 140 -14.60 16.44 -4.70
CA TYR D 140 -14.10 15.24 -5.37
C TYR D 140 -14.80 14.03 -4.76
N PRO D 141 -15.99 13.69 -5.25
CA PRO D 141 -16.71 12.56 -4.68
C PRO D 141 -15.98 11.24 -4.86
N LEU D 142 -16.12 10.37 -3.86
CA LEU D 142 -15.55 9.03 -3.88
C LEU D 142 -16.57 7.94 -4.14
N THR D 143 -17.86 8.25 -4.07
CA THR D 143 -18.92 7.29 -4.27
C THR D 143 -20.00 7.90 -5.15
N PRO D 144 -20.83 7.08 -5.79
CA PRO D 144 -21.98 7.65 -6.55
C PRO D 144 -22.90 8.51 -5.69
N GLU D 145 -23.10 8.10 -4.44
CA GLU D 145 -23.98 8.84 -3.53
C GLU D 145 -23.41 10.23 -3.24
N GLN D 146 -22.10 10.31 -2.98
CA GLN D 146 -21.50 11.63 -2.81
C GLN D 146 -21.66 12.47 -4.07
N ASP D 147 -21.47 11.87 -5.25
CA ASP D 147 -21.59 12.65 -6.48
C ASP D 147 -22.97 13.27 -6.59
N ALA D 148 -24.01 12.47 -6.40
CA ALA D 148 -25.37 12.97 -6.49
C ALA D 148 -25.59 14.11 -5.50
N ALA D 149 -25.19 13.89 -4.24
CA ALA D 149 -25.39 14.90 -3.21
C ALA D 149 -24.67 16.21 -3.56
N ALA D 150 -23.43 16.11 -4.06
CA ALA D 150 -22.67 17.32 -4.35
C ALA D 150 -23.32 18.09 -5.48
N ARG D 151 -23.79 17.38 -6.52
CA ARG D 151 -24.35 18.10 -7.65
C ARG D 151 -25.68 18.76 -7.31
N ALA D 152 -26.51 18.08 -6.50
CA ALA D 152 -27.74 18.72 -6.06
C ALA D 152 -27.44 19.97 -5.23
N SER D 153 -26.47 19.88 -4.32
CA SER D 153 -26.17 21.03 -3.46
C SER D 153 -25.60 22.19 -4.26
N LEU D 154 -24.78 21.90 -5.27
CA LEU D 154 -24.29 22.98 -6.14
C LEU D 154 -25.45 23.68 -6.83
N GLU D 155 -26.39 22.92 -7.37
CA GLU D 155 -27.56 23.56 -7.97
C GLU D 155 -28.23 24.48 -6.95
N ARG D 156 -28.56 23.96 -5.76
CA ARG D 156 -29.30 24.73 -4.78
C ARG D 156 -28.56 25.99 -4.38
N PHE D 157 -27.24 25.88 -4.21
CA PHE D 157 -26.48 27.04 -3.74
C PHE D 157 -26.31 28.08 -4.84
N GLN D 158 -26.20 27.65 -6.10
CA GLN D 158 -26.21 28.63 -7.18
C GLN D 158 -27.51 29.42 -7.14
N ALA D 159 -28.63 28.71 -6.92
CA ALA D 159 -29.92 29.40 -6.79
C ALA D 159 -29.95 30.37 -5.61
N ALA D 160 -29.39 29.93 -4.47
CA ALA D 160 -29.34 30.79 -3.28
C ALA D 160 -28.50 32.03 -3.51
N MET D 161 -27.34 31.87 -4.16
CA MET D 161 -26.51 33.02 -4.52
C MET D 161 -27.29 34.01 -5.37
N LEU D 162 -27.97 33.52 -6.40
CA LEU D 162 -28.73 34.43 -7.25
C LEU D 162 -29.80 35.15 -6.45
N ALA D 163 -30.45 34.45 -5.52
CA ALA D 163 -31.46 35.10 -4.68
C ALA D 163 -30.85 36.17 -3.76
N ALA D 164 -29.62 35.94 -3.28
CA ALA D 164 -28.86 36.93 -2.52
C ALA D 164 -28.14 37.95 -3.40
N ASP D 165 -28.54 38.05 -4.67
CA ASP D 165 -27.99 39.01 -5.62
C ASP D 165 -26.49 38.80 -5.83
N ASP D 166 -26.15 37.57 -6.22
CA ASP D 166 -24.82 37.26 -6.74
C ASP D 166 -25.06 36.51 -8.04
N ASP D 167 -24.68 37.13 -9.14
CA ASP D 167 -24.92 36.60 -10.47
C ASP D 167 -23.75 35.79 -11.01
N ARG D 168 -22.72 35.57 -10.20
CA ARG D 168 -21.55 34.84 -10.67
C ARG D 168 -21.87 33.36 -10.74
N HIS D 169 -21.20 32.66 -11.64
CA HIS D 169 -21.35 31.23 -11.77
C HIS D 169 -20.37 30.53 -10.84
N ILE D 170 -20.84 29.47 -10.19
CA ILE D 170 -19.95 28.72 -9.31
C ILE D 170 -18.87 28.08 -10.18
N THR D 171 -17.62 28.29 -9.80
CA THR D 171 -16.48 27.79 -10.55
C THR D 171 -15.90 26.52 -9.93
N THR D 172 -16.64 25.88 -9.05
CA THR D 172 -16.16 24.70 -8.34
C THR D 172 -16.02 23.52 -9.30
N GLU D 173 -14.88 22.84 -9.24
CA GLU D 173 -14.70 21.58 -9.95
C GLU D 173 -15.41 20.47 -9.20
N ILE D 174 -16.18 19.65 -9.91
CA ILE D 174 -16.70 18.40 -9.34
C ILE D 174 -16.28 17.28 -10.30
N ALA D 175 -15.39 16.41 -9.83
CA ALA D 175 -14.87 15.30 -10.61
C ALA D 175 -14.62 14.14 -9.66
N ASN D 176 -14.69 12.93 -10.21
CA ASN D 176 -14.39 11.75 -9.41
C ASN D 176 -13.01 11.87 -8.78
N ALA D 177 -12.90 11.38 -7.55
CA ALA D 177 -11.69 11.61 -6.78
C ALA D 177 -10.52 10.84 -7.38
N THR D 178 -9.37 11.52 -7.47
CA THR D 178 -8.10 10.96 -7.88
C THR D 178 -7.25 10.86 -6.61
N PRO D 179 -6.03 10.32 -6.67
CA PRO D 179 -5.22 10.21 -5.45
C PRO D 179 -5.13 11.52 -4.65
N PHE D 180 -5.18 11.37 -3.32
CA PHE D 180 -4.96 12.45 -2.36
C PHE D 180 -3.57 12.27 -1.78
N TYR D 181 -2.66 13.19 -2.10
CA TYR D 181 -1.30 13.11 -1.60
C TYR D 181 -1.22 13.97 -0.34
N TYR D 182 -0.71 13.42 0.77
CA TYR D 182 -0.65 14.21 2.00
C TYR D 182 0.37 15.35 1.91
N ALA D 183 0.07 16.45 2.58
CA ALA D 183 1.09 17.48 2.64
C ALA D 183 2.17 17.14 3.66
N GLU D 184 3.31 17.82 3.53
CA GLU D 184 4.40 17.69 4.49
C GLU D 184 3.87 17.80 5.91
N ASP D 185 4.59 17.18 6.85
CA ASP D 185 4.07 17.06 8.21
C ASP D 185 3.82 18.41 8.86
N ASP D 186 4.64 19.42 8.53
CA ASP D 186 4.47 20.72 9.16
C ASP D 186 3.13 21.36 8.81
N HIS D 187 2.56 21.02 7.66
CA HIS D 187 1.26 21.59 7.32
C HIS D 187 0.12 20.88 8.00
N GLN D 188 0.33 19.64 8.43
CA GLN D 188 -0.75 18.86 9.04
C GLN D 188 -1.15 19.51 10.36
N GLN D 189 -2.44 19.85 10.48
CA GLN D 189 -2.96 20.48 11.69
C GLN D 189 -2.19 21.75 12.06
N TYR D 190 -1.92 22.58 11.04
CA TYR D 190 -1.03 23.74 11.20
C TYR D 190 -1.54 24.72 12.25
N LEU D 191 -2.83 25.06 12.21
CA LEU D 191 -3.35 26.07 13.13
C LEU D 191 -3.50 25.55 14.56
N HIS D 192 -3.50 24.24 14.76
CA HIS D 192 -3.39 23.76 16.13
C HIS D 192 -1.94 23.76 16.61
N LYS D 193 -0.98 23.57 15.71
CA LYS D 193 0.40 23.65 16.14
C LYS D 193 0.82 25.12 16.29
N ASN D 194 0.20 26.01 15.52
CA ASN D 194 0.54 27.43 15.49
C ASN D 194 -0.76 28.20 15.60
N PRO D 195 -1.23 28.49 16.82
CA PRO D 195 -2.58 29.05 16.98
C PRO D 195 -2.81 30.38 16.29
N TYR D 196 -1.75 31.15 16.08
CA TYR D 196 -1.82 32.53 15.60
C TYR D 196 -1.63 32.64 14.09
N GLY D 197 -1.88 31.58 13.34
CA GLY D 197 -1.60 31.59 11.92
C GLY D 197 -2.72 32.11 11.05
N TYR D 198 -2.40 32.23 9.76
CA TYR D 198 -3.31 32.74 8.74
C TYR D 198 -4.45 31.75 8.49
N ALA D 199 -5.68 32.17 8.79
CA ALA D 199 -6.87 31.49 8.32
C ALA D 199 -7.63 32.43 7.40
N GLY D 200 -7.97 31.93 6.21
CA GLY D 200 -8.71 32.70 5.23
C GLY D 200 -10.02 33.31 5.70
N ILE D 201 -10.67 34.03 4.79
CA ILE D 201 -12.01 34.57 4.98
C ILE D 201 -13.02 33.41 4.94
N GLY D 202 -14.24 33.66 5.37
CA GLY D 202 -15.31 32.71 5.20
C GLY D 202 -15.93 32.81 3.83
N GLY D 203 -17.21 32.44 3.75
CA GLY D 203 -17.99 32.54 2.54
C GLY D 203 -18.60 33.91 2.31
N ILE D 204 -19.58 33.93 1.40
CA ILE D 204 -20.25 35.16 1.00
C ILE D 204 -21.35 35.60 1.95
N GLY D 205 -21.66 34.81 2.98
CA GLY D 205 -22.65 35.23 3.95
C GLY D 205 -24.02 34.62 3.76
N VAL D 206 -24.12 33.49 3.08
CA VAL D 206 -25.38 32.79 2.85
C VAL D 206 -25.18 31.33 3.26
N CYS D 207 -26.25 30.71 3.78
CA CYS D 207 -26.21 29.35 4.29
C CYS D 207 -27.21 28.50 3.52
N LEU D 208 -26.92 27.20 3.44
CA LEU D 208 -28.00 26.49 2.75
C LEU D 208 -29.02 25.93 3.72
N PRO D 209 -30.30 26.05 3.38
CA PRO D 209 -31.33 25.23 4.03
C PRO D 209 -31.02 23.76 3.85
N PRO D 210 -31.79 22.85 4.48
CA PRO D 210 -31.47 21.42 4.35
C PRO D 210 -31.94 20.80 3.05
N GLU D 211 -33.08 21.25 2.54
CA GLU D 211 -33.76 20.54 1.46
C GLU D 211 -34.09 21.42 0.25
N PHE E 4 7.13 -11.40 12.56
CA PHE E 4 6.19 -10.28 12.45
C PHE E 4 5.77 -9.78 13.83
N ASP E 5 5.49 -8.49 13.95
CA ASP E 5 4.94 -7.94 15.19
C ASP E 5 3.61 -7.23 14.90
N LYS E 6 2.94 -6.84 15.98
CA LYS E 6 1.78 -5.95 15.93
C LYS E 6 1.56 -5.40 17.33
N LYS E 7 1.46 -4.07 17.45
CA LYS E 7 0.92 -3.40 18.64
C LYS E 7 1.31 -4.07 19.96
N HIS E 8 2.52 -4.63 20.04
CA HIS E 8 3.15 -4.89 21.32
C HIS E 8 3.71 -3.61 21.91
N LEU E 9 3.36 -2.47 21.32
CA LEU E 9 3.84 -1.19 21.79
C LEU E 9 2.87 -0.62 22.82
N VAL E 10 3.18 0.59 23.28
CA VAL E 10 2.20 1.34 24.04
C VAL E 10 1.04 1.64 23.10
N SER E 11 -0.16 1.67 23.67
CA SER E 11 -1.33 1.99 22.88
C SER E 11 -1.31 3.48 22.51
N PRO E 12 -1.83 3.84 21.34
CA PRO E 12 -1.85 5.25 20.97
C PRO E 12 -2.47 6.14 22.04
N ALA E 13 -3.54 5.67 22.70
CA ALA E 13 -4.21 6.50 23.70
C ALA E 13 -3.34 6.70 24.93
N ASP E 14 -2.43 5.78 25.21
CA ASP E 14 -1.56 5.85 26.37
C ASP E 14 -0.21 6.50 26.08
N ALA E 15 0.10 6.70 24.82
CA ALA E 15 1.38 7.27 24.43
C ALA E 15 1.56 8.68 24.97
N LEU E 16 2.82 9.05 25.15
CA LEU E 16 3.17 10.37 25.62
C LEU E 16 2.86 11.43 24.56
N PRO E 17 2.42 12.61 24.98
CA PRO E 17 1.93 13.62 24.03
C PRO E 17 3.00 14.36 23.24
N GLY E 18 4.20 14.52 23.77
CA GLY E 18 5.26 15.18 23.03
C GLY E 18 5.12 16.69 22.81
N ARG E 19 6.17 17.29 22.26
CA ARG E 19 6.31 18.66 21.75
C ARG E 19 5.77 18.79 20.34
N ASN E 20 5.43 20.02 19.96
CA ASN E 20 5.35 20.41 18.56
C ASN E 20 6.61 21.05 18.02
N THR E 21 7.50 21.50 18.87
CA THR E 21 8.73 22.11 18.36
C THR E 21 9.86 21.07 18.30
N PRO E 22 10.57 21.03 17.18
CA PRO E 22 11.55 19.95 16.94
C PRO E 22 12.85 20.10 17.70
N MET E 23 13.49 18.97 17.94
CA MET E 23 14.78 18.95 18.60
C MET E 23 15.75 19.88 17.88
N PRO E 24 16.44 20.78 18.57
CA PRO E 24 17.49 21.57 17.92
C PRO E 24 18.71 20.70 17.59
N VAL E 25 19.18 20.79 16.34
CA VAL E 25 20.28 19.95 15.87
C VAL E 25 21.41 20.81 15.27
N ALA E 26 22.64 20.35 15.47
CA ALA E 26 23.80 21.04 14.93
C ALA E 26 23.75 21.07 13.41
N THR E 27 24.56 21.96 12.82
CA THR E 27 24.54 22.14 11.37
C THR E 27 25.30 21.02 10.66
N LEU E 28 26.49 20.71 11.16
CA LEU E 28 27.42 19.78 10.55
C LEU E 28 27.56 18.51 11.36
N HIS E 29 27.75 17.41 10.64
CA HIS E 29 28.08 16.11 11.22
C HIS E 29 29.41 16.15 11.96
N ALA E 30 29.47 15.53 13.14
CA ALA E 30 30.61 15.71 14.04
C ALA E 30 31.89 15.09 13.52
N VAL E 31 31.81 14.18 12.56
CA VAL E 31 32.98 13.46 12.07
C VAL E 31 33.47 14.02 10.75
N ASN E 32 32.55 14.20 9.80
CA ASN E 32 32.91 14.54 8.42
C ASN E 32 32.54 15.94 7.98
N GLY E 33 31.89 16.74 8.82
CA GLY E 33 31.56 18.10 8.42
C GLY E 33 30.45 18.26 7.39
N HIS E 34 29.62 17.23 7.19
CA HIS E 34 28.55 17.27 6.22
C HIS E 34 27.26 17.81 6.85
N SER E 35 26.25 18.04 6.03
CA SER E 35 25.01 18.62 6.52
C SER E 35 24.19 17.61 7.32
N MET E 36 23.85 17.96 8.55
CA MET E 36 23.00 17.07 9.33
C MET E 36 21.62 16.92 8.74
N THR E 37 21.24 17.77 7.84
CA THR E 37 19.88 17.75 7.28
C THR E 37 19.85 17.66 5.77
N ASN E 38 20.75 18.35 5.07
CA ASN E 38 20.67 18.41 3.62
C ASN E 38 20.94 17.03 3.02
N VAL E 39 20.31 16.77 1.88
CA VAL E 39 20.55 15.58 1.08
C VAL E 39 21.08 16.03 -0.27
N PRO E 40 22.37 15.87 -0.52
CA PRO E 40 22.93 16.34 -1.79
C PRO E 40 22.25 15.69 -2.98
N ASP E 41 22.18 16.44 -4.08
CA ASP E 41 21.49 15.98 -5.27
C ASP E 41 21.99 14.60 -5.68
N GLY E 42 21.06 13.71 -5.98
CA GLY E 42 21.40 12.37 -6.37
C GLY E 42 21.58 11.38 -5.24
N MET E 43 21.54 11.82 -3.99
CA MET E 43 21.65 10.90 -2.86
C MET E 43 20.26 10.55 -2.32
N GLU E 44 20.22 9.58 -1.40
CA GLU E 44 18.96 9.02 -0.92
C GLU E 44 19.06 8.82 0.60
N ILE E 45 17.91 8.64 1.25
CA ILE E 45 17.84 8.40 2.70
C ILE E 45 17.43 6.94 2.92
N ALA E 46 18.04 6.32 3.94
CA ALA E 46 17.62 5.04 4.48
C ALA E 46 17.52 5.15 6.00
N ILE E 47 16.56 4.44 6.60
CA ILE E 47 16.38 4.51 8.05
C ILE E 47 16.34 3.10 8.63
N PHE E 48 17.18 2.85 9.63
CA PHE E 48 17.25 1.52 10.23
C PHE E 48 17.17 1.63 11.74
N ALA E 49 16.64 0.57 12.36
CA ALA E 49 16.64 0.43 13.81
C ALA E 49 17.27 -0.91 14.13
N MET E 50 18.36 -0.88 14.92
CA MET E 50 19.18 -2.06 15.18
C MET E 50 19.55 -2.20 16.65
N GLY E 51 18.80 -1.59 17.56
CA GLY E 51 19.15 -1.56 18.96
C GLY E 51 19.67 -0.20 19.38
N ALA E 52 20.32 -0.19 20.54
CA ALA E 52 20.93 1.03 21.06
C ALA E 52 21.76 1.71 19.98
N PHE E 53 21.51 2.99 19.77
CA PHE E 53 21.78 3.61 18.48
C PHE E 53 23.14 4.30 18.40
N TRP E 54 23.90 4.36 19.50
CA TRP E 54 25.28 4.83 19.43
C TRP E 54 26.11 3.97 18.49
N GLY E 55 26.19 2.66 18.82
CA GLY E 55 26.95 1.75 18.01
C GLY E 55 26.48 1.67 16.57
N VAL E 56 25.17 1.74 16.34
CA VAL E 56 24.71 1.60 14.96
C VAL E 56 25.06 2.85 14.16
N GLU E 57 24.87 4.03 14.73
CA GLU E 57 25.22 5.23 13.99
C GLU E 57 26.70 5.21 13.61
N ARG E 58 27.57 4.79 14.55
CA ARG E 58 28.99 4.69 14.18
C ARG E 58 29.22 3.67 13.09
N LEU E 59 28.59 2.48 13.20
CA LEU E 59 28.70 1.48 12.15
C LEU E 59 28.44 2.07 10.77
N PHE E 60 27.41 2.92 10.65
CA PHE E 60 27.07 3.41 9.31
C PHE E 60 27.94 4.60 8.87
N TRP E 61 28.32 5.53 9.75
CA TRP E 61 29.05 6.67 9.17
C TRP E 61 30.43 6.26 8.65
N GLN E 62 30.93 5.11 9.09
CA GLN E 62 32.22 4.61 8.64
C GLN E 62 32.16 3.97 7.26
N LEU E 63 30.97 3.72 6.74
CA LEU E 63 30.85 3.02 5.47
C LEU E 63 31.14 3.99 4.32
N PRO E 64 32.06 3.65 3.41
CA PRO E 64 32.29 4.48 2.24
C PRO E 64 31.00 4.67 1.46
N GLY E 65 30.69 5.93 1.15
CA GLY E 65 29.47 6.28 0.45
C GLY E 65 28.42 6.91 1.32
N VAL E 66 28.55 6.83 2.63
CA VAL E 66 27.59 7.48 3.53
C VAL E 66 27.95 8.96 3.68
N TYR E 67 27.02 9.84 3.30
CA TYR E 67 27.20 11.29 3.42
C TYR E 67 27.05 11.78 4.86
N SER E 68 25.97 11.40 5.53
CA SER E 68 25.76 11.85 6.91
C SER E 68 25.02 10.75 7.67
N THR E 69 25.12 10.81 8.99
CA THR E 69 24.30 9.98 9.87
C THR E 69 23.70 10.84 10.96
N ALA E 70 22.63 10.33 11.57
CA ALA E 70 21.97 11.03 12.66
C ALA E 70 21.27 10.00 13.54
N ALA E 71 21.40 10.21 14.84
CA ALA E 71 20.70 9.39 15.81
C ALA E 71 19.29 9.93 15.97
N GLY E 72 18.32 9.02 16.18
CA GLY E 72 16.97 9.51 16.29
C GLY E 72 15.99 8.47 16.78
N TYR E 73 14.71 8.84 16.62
CA TYR E 73 13.54 8.18 17.19
C TYR E 73 12.52 8.05 16.09
N THR E 74 12.02 6.83 15.83
CA THR E 74 10.97 6.76 14.82
C THR E 74 10.10 5.52 14.99
N GLY E 75 8.98 5.53 14.28
CA GLY E 75 8.07 4.40 14.21
C GLY E 75 7.04 4.36 15.32
N GLY E 76 7.09 5.27 16.26
CA GLY E 76 6.20 5.32 17.39
C GLY E 76 5.10 6.34 17.22
N TYR E 77 4.68 6.91 18.34
CA TYR E 77 3.54 7.81 18.35
C TYR E 77 3.90 9.23 18.79
N THR E 78 4.78 9.39 19.75
CA THR E 78 5.03 10.69 20.35
C THR E 78 5.74 11.62 19.38
N PRO E 79 5.18 12.78 19.07
CA PRO E 79 5.88 13.69 18.17
C PRO E 79 7.02 14.40 18.91
N ASN E 80 8.20 14.41 18.28
CA ASN E 80 9.34 15.15 18.79
C ASN E 80 9.76 14.76 20.21
N PRO E 81 10.03 13.49 20.48
CA PRO E 81 10.29 13.08 21.86
C PRO E 81 11.69 13.48 22.33
N THR E 82 11.91 13.31 23.63
CA THR E 82 13.22 13.40 24.27
C THR E 82 13.69 12.01 24.66
N TYR E 83 14.98 11.90 25.00
CA TYR E 83 15.55 10.58 25.29
C TYR E 83 14.80 9.90 26.45
N ARG E 84 14.56 10.64 27.54
N ARG E 84 14.58 10.65 27.56
CA ARG E 84 13.89 10.07 28.71
CA ARG E 84 13.88 10.08 28.71
C ARG E 84 12.51 9.52 28.35
C ARG E 84 12.52 9.51 28.32
N GLU E 85 11.79 10.24 27.49
CA GLU E 85 10.47 9.81 27.06
C GLU E 85 10.54 8.49 26.29
N VAL E 86 11.42 8.41 25.29
CA VAL E 86 11.56 7.18 24.53
C VAL E 86 11.95 6.06 25.45
N ALA E 87 12.81 6.36 26.42
CA ALA E 87 13.31 5.38 27.35
C ALA E 87 12.23 4.85 28.27
N SER E 88 11.16 5.64 28.48
CA SER E 88 10.06 5.12 29.29
C SER E 88 9.33 3.98 28.60
N GLY E 89 9.52 3.80 27.30
CA GLY E 89 8.74 2.86 26.54
C GLY E 89 7.38 3.37 26.14
N ASP E 90 6.98 4.54 26.61
CA ASP E 90 5.66 5.09 26.39
C ASP E 90 5.57 5.98 25.15
N THR E 91 6.63 6.05 24.33
CA THR E 91 6.56 6.77 23.06
C THR E 91 6.21 5.87 21.88
N GLY E 92 6.44 4.56 22.02
CA GLY E 92 6.33 3.61 20.93
C GLY E 92 7.47 3.64 19.93
N HIS E 93 8.34 4.65 19.99
CA HIS E 93 9.40 4.71 19.00
C HIS E 93 10.43 3.60 19.22
N ALA E 94 11.26 3.44 18.21
CA ALA E 94 12.48 2.66 18.29
C ALA E 94 13.64 3.63 18.09
N GLU E 95 14.72 3.41 18.84
CA GLU E 95 15.96 4.11 18.60
C GLU E 95 16.46 3.70 17.22
N ALA E 96 16.62 4.68 16.34
CA ALA E 96 16.93 4.42 14.95
C ALA E 96 18.02 5.38 14.49
N VAL E 97 18.43 5.21 13.25
CA VAL E 97 19.47 6.00 12.63
C VAL E 97 19.05 6.35 11.21
N ARG E 98 19.33 7.60 10.83
CA ARG E 98 19.06 8.20 9.53
C ARG E 98 20.35 8.26 8.73
N ILE E 99 20.33 7.69 7.53
CA ILE E 99 21.52 7.49 6.70
C ILE E 99 21.28 8.19 5.38
N VAL E 100 22.15 9.13 5.03
CA VAL E 100 22.15 9.72 3.70
C VAL E 100 23.28 9.08 2.93
N TYR E 101 22.97 8.44 1.81
CA TYR E 101 23.99 7.69 1.07
C TYR E 101 23.91 7.99 -0.43
N ASP E 102 25.03 7.72 -1.10
CA ASP E 102 25.17 7.90 -2.55
C ASP E 102 24.94 6.56 -3.23
N PRO E 103 23.82 6.37 -3.94
CA PRO E 103 23.51 5.03 -4.48
C PRO E 103 24.51 4.54 -5.48
N SER E 104 25.30 5.45 -6.08
CA SER E 104 26.35 5.10 -7.03
C SER E 104 27.58 4.51 -6.36
N VAL E 105 27.73 4.67 -5.04
CA VAL E 105 28.91 4.22 -4.32
C VAL E 105 28.58 3.07 -3.37
N ILE E 106 27.45 3.17 -2.69
CA ILE E 106 26.92 2.09 -1.87
C ILE E 106 25.45 1.92 -2.23
N SER E 107 25.00 0.68 -2.34
CA SER E 107 23.63 0.38 -2.69
C SER E 107 22.78 0.13 -1.45
N TYR E 108 21.46 0.24 -1.63
CA TYR E 108 20.56 -0.11 -0.54
C TYR E 108 20.67 -1.59 -0.20
N GLU E 109 20.93 -2.43 -1.22
CA GLU E 109 21.17 -3.85 -0.96
C GLU E 109 22.36 -4.03 -0.02
N GLN E 110 23.40 -3.21 -0.22
CA GLN E 110 24.57 -3.25 0.64
C GLN E 110 24.24 -2.79 2.05
N LEU E 111 23.43 -1.72 2.17
CA LEU E 111 22.95 -1.29 3.49
C LEU E 111 22.15 -2.38 4.19
N LEU E 112 21.30 -3.10 3.46
CA LEU E 112 20.54 -4.19 4.06
C LEU E 112 21.48 -5.28 4.54
N GLN E 113 22.53 -5.56 3.78
CA GLN E 113 23.52 -6.54 4.24
C GLN E 113 24.14 -6.10 5.55
N VAL E 114 24.52 -4.82 5.66
CA VAL E 114 25.09 -4.32 6.91
C VAL E 114 24.09 -4.51 8.05
N PHE E 115 22.86 -4.05 7.83
CA PHE E 115 21.77 -4.24 8.77
C PHE E 115 21.73 -5.68 9.28
N TRP E 116 21.49 -6.65 8.39
CA TRP E 116 21.26 -8.01 8.85
C TRP E 116 22.50 -8.61 9.49
N GLU E 117 23.67 -8.11 9.12
CA GLU E 117 24.89 -8.72 9.61
C GLU E 117 25.23 -8.29 11.02
N ASN E 118 24.86 -7.06 11.40
CA ASN E 118 25.44 -6.50 12.62
C ASN E 118 24.48 -6.37 13.80
N HIS E 119 23.31 -7.02 13.78
CA HIS E 119 22.50 -7.11 14.99
C HIS E 119 21.69 -8.39 14.95
N ASP E 120 21.03 -8.70 16.07
CA ASP E 120 20.24 -9.92 16.15
C ASP E 120 18.78 -9.60 15.88
N PRO E 121 18.26 -9.97 14.73
CA PRO E 121 16.91 -9.55 14.33
C PRO E 121 15.83 -10.45 14.88
N ALA E 122 16.16 -11.27 15.87
CA ALA E 122 15.23 -12.26 16.37
C ALA E 122 15.15 -12.24 17.89
N GLN E 123 15.36 -11.07 18.51
CA GLN E 123 15.29 -10.96 19.96
C GLN E 123 14.04 -10.24 20.46
N GLY E 124 13.12 -9.87 19.58
CA GLY E 124 11.90 -9.20 20.02
C GLY E 124 12.15 -7.78 20.51
N MET E 125 11.60 -7.47 21.69
CA MET E 125 11.73 -6.12 22.26
C MET E 125 12.98 -6.05 23.14
N ARG E 126 14.11 -6.41 22.53
CA ARG E 126 15.41 -6.48 23.18
C ARG E 126 16.49 -6.38 22.12
N GLN E 127 17.70 -6.11 22.58
CA GLN E 127 18.90 -6.23 21.77
C GLN E 127 20.06 -6.29 22.75
N GLY E 128 20.75 -7.43 22.80
CA GLY E 128 21.82 -7.56 23.76
C GLY E 128 21.27 -7.50 25.16
N ASN E 129 21.91 -6.70 26.01
CA ASN E 129 21.49 -6.49 27.38
C ASN E 129 20.53 -5.31 27.55
N ASP E 130 20.10 -4.70 26.46
CA ASP E 130 19.24 -3.51 26.51
C ASP E 130 17.81 -3.95 26.27
N HIS E 131 16.94 -3.74 27.26
CA HIS E 131 15.57 -4.24 27.19
C HIS E 131 14.60 -3.08 26.96
N GLY E 132 13.59 -3.34 26.15
CA GLY E 132 12.52 -2.38 25.90
C GLY E 132 12.17 -2.30 24.43
N THR E 133 10.91 -1.92 24.16
CA THR E 133 10.46 -1.80 22.78
C THR E 133 11.20 -0.71 22.02
N GLN E 134 11.94 0.15 22.72
CA GLN E 134 12.70 1.19 22.04
C GLN E 134 13.97 0.69 21.39
N TYR E 135 14.33 -0.59 21.61
CA TYR E 135 15.54 -1.19 21.06
C TYR E 135 15.23 -2.24 20.00
N ARG E 136 14.00 -2.24 19.49
CA ARG E 136 13.53 -3.28 18.59
C ARG E 136 14.21 -3.15 17.22
N SER E 137 14.07 -4.22 16.44
CA SER E 137 14.64 -4.34 15.10
C SER E 137 13.62 -3.86 14.08
N ALA E 138 14.06 -2.99 13.17
CA ALA E 138 13.13 -2.46 12.17
C ALA E 138 13.87 -1.88 10.97
N ILE E 139 13.20 -1.93 9.81
CA ILE E 139 13.62 -1.26 8.59
C ILE E 139 12.48 -0.34 8.19
N TYR E 140 12.79 0.94 7.89
CA TYR E 140 11.74 1.91 7.59
C TYR E 140 11.92 2.39 6.15
N PRO E 141 11.39 1.63 5.19
CA PRO E 141 11.54 2.02 3.78
C PRO E 141 10.83 3.35 3.50
N LEU E 142 11.46 4.14 2.64
CA LEU E 142 10.94 5.41 2.21
C LEU E 142 10.41 5.39 0.79
N THR E 143 10.71 4.35 0.02
CA THR E 143 10.30 4.21 -1.36
C THR E 143 9.76 2.80 -1.57
N PRO E 144 8.93 2.59 -2.58
CA PRO E 144 8.52 1.21 -2.91
C PRO E 144 9.70 0.29 -3.19
N GLU E 145 10.77 0.81 -3.81
CA GLU E 145 11.94 -0.01 -4.15
C GLU E 145 12.66 -0.50 -2.91
N GLN E 146 12.85 0.39 -1.91
CA GLN E 146 13.37 -0.05 -0.62
C GLN E 146 12.45 -1.07 0.01
N ASP E 147 11.13 -0.86 -0.10
CA ASP E 147 10.19 -1.79 0.51
C ASP E 147 10.40 -3.19 -0.04
N ALA E 148 10.43 -3.30 -1.38
CA ALA E 148 10.66 -4.60 -2.02
C ALA E 148 11.98 -5.21 -1.57
N ALA E 149 13.07 -4.45 -1.66
CA ALA E 149 14.37 -5.00 -1.28
C ALA E 149 14.37 -5.45 0.18
N ALA E 150 13.76 -4.67 1.08
CA ALA E 150 13.80 -4.99 2.50
C ALA E 150 13.01 -6.24 2.83
N ARG E 151 11.80 -6.37 2.28
CA ARG E 151 11.01 -7.56 2.58
C ARG E 151 11.64 -8.81 1.97
N ALA E 152 12.23 -8.68 0.78
CA ALA E 152 12.98 -9.77 0.17
C ALA E 152 14.17 -10.17 1.03
N SER E 153 14.91 -9.19 1.56
CA SER E 153 16.09 -9.51 2.36
C SER E 153 15.71 -10.17 3.67
N LEU E 154 14.57 -9.77 4.27
CA LEU E 154 14.08 -10.46 5.46
C LEU E 154 13.79 -11.94 5.16
N GLU E 155 13.14 -12.21 4.02
CA GLU E 155 12.93 -13.59 3.60
C GLU E 155 14.25 -14.37 3.52
N ARG E 156 15.21 -13.83 2.77
CA ARG E 156 16.47 -14.54 2.56
C ARG E 156 17.19 -14.79 3.88
N PHE E 157 17.18 -13.81 4.78
CA PHE E 157 17.93 -13.94 6.02
C PHE E 157 17.23 -14.91 6.98
N GLN E 158 15.90 -14.98 6.96
CA GLN E 158 15.23 -16.06 7.70
C GLN E 158 15.71 -17.41 7.21
N ALA E 159 15.84 -17.56 5.89
CA ALA E 159 16.38 -18.81 5.36
C ALA E 159 17.79 -19.07 5.87
N ALA E 160 18.62 -18.02 5.93
CA ALA E 160 19.98 -18.18 6.41
C ALA E 160 20.01 -18.59 7.88
N MET E 161 19.16 -17.99 8.71
CA MET E 161 19.07 -18.40 10.10
C MET E 161 18.73 -19.88 10.19
N LEU E 162 17.76 -20.33 9.41
CA LEU E 162 17.44 -21.76 9.42
C LEU E 162 18.65 -22.58 8.98
N ALA E 163 19.44 -22.05 8.05
CA ALA E 163 20.63 -22.77 7.60
C ALA E 163 21.68 -22.89 8.69
N ALA E 164 21.84 -21.86 9.51
CA ALA E 164 22.72 -21.92 10.67
C ALA E 164 22.08 -22.61 11.85
N ASP E 165 20.97 -23.29 11.62
CA ASP E 165 20.25 -24.08 12.61
C ASP E 165 19.90 -23.22 13.83
N ASP E 166 19.12 -22.18 13.54
CA ASP E 166 18.58 -21.24 14.51
C ASP E 166 17.07 -21.30 14.35
N ASP E 167 16.38 -21.73 15.40
CA ASP E 167 14.95 -21.97 15.37
C ASP E 167 14.13 -20.74 15.71
N ARG E 168 14.78 -19.61 15.97
CA ARG E 168 14.08 -18.39 16.32
C ARG E 168 13.49 -17.73 15.09
N HIS E 169 12.36 -17.09 15.25
CA HIS E 169 11.72 -16.43 14.11
C HIS E 169 12.04 -14.93 14.17
N ILE E 170 12.35 -14.35 13.02
CA ILE E 170 12.75 -12.95 12.98
C ILE E 170 11.61 -12.05 13.43
N THR E 171 11.91 -11.12 14.34
CA THR E 171 10.96 -10.17 14.91
C THR E 171 11.09 -8.76 14.33
N THR E 172 11.78 -8.61 13.19
CA THR E 172 12.02 -7.29 12.62
C THR E 172 10.73 -6.70 12.06
N GLU E 173 10.45 -5.44 12.42
CA GLU E 173 9.37 -4.65 11.84
C GLU E 173 9.80 -4.06 10.51
N ILE E 174 8.91 -4.12 9.52
CA ILE E 174 9.08 -3.38 8.27
C ILE E 174 7.80 -2.59 8.04
N ALA E 175 7.89 -1.27 8.11
CA ALA E 175 6.74 -0.41 7.89
C ALA E 175 7.21 0.84 7.17
N ASN E 176 6.31 1.39 6.36
CA ASN E 176 6.59 2.64 5.69
C ASN E 176 6.99 3.70 6.71
N ALA E 177 8.01 4.48 6.36
CA ALA E 177 8.60 5.39 7.32
C ALA E 177 7.66 6.55 7.63
N THR E 178 7.56 6.84 8.91
CA THR E 178 6.85 7.98 9.49
C THR E 178 7.94 9.01 9.81
N PRO E 179 7.64 10.19 10.34
CA PRO E 179 8.71 11.15 10.63
C PRO E 179 9.88 10.56 11.39
N PHE E 180 11.09 11.03 11.06
CA PHE E 180 12.30 10.68 11.78
C PHE E 180 12.65 11.84 12.71
N TYR E 181 12.52 11.65 14.02
CA TYR E 181 12.75 12.73 14.97
C TYR E 181 14.20 12.67 15.42
N TYR E 182 14.94 13.77 15.26
CA TYR E 182 16.33 13.68 15.66
C TYR E 182 16.46 13.62 17.18
N ALA E 183 17.48 12.90 17.64
CA ALA E 183 17.81 12.88 19.06
C ALA E 183 18.57 14.14 19.47
N GLU E 184 18.61 14.36 20.77
CA GLU E 184 19.40 15.43 21.37
C GLU E 184 20.81 15.43 20.79
N ASP E 185 21.42 16.62 20.81
CA ASP E 185 22.73 16.80 20.18
C ASP E 185 23.82 15.95 20.83
N ASP E 186 23.73 15.69 22.13
CA ASP E 186 24.75 14.90 22.79
C ASP E 186 24.80 13.49 22.24
N HIS E 187 23.68 12.97 21.75
CA HIS E 187 23.69 11.63 21.18
C HIS E 187 24.18 11.62 19.74
N GLN E 188 24.14 12.76 19.04
CA GLN E 188 24.59 12.79 17.66
C GLN E 188 26.10 12.52 17.62
N GLN E 189 26.48 11.46 16.91
CA GLN E 189 27.87 11.03 16.80
C GLN E 189 28.50 10.86 18.19
N TYR E 190 27.74 10.22 19.08
CA TYR E 190 28.12 10.14 20.49
C TYR E 190 29.50 9.51 20.66
N LEU E 191 29.75 8.40 19.97
CA LEU E 191 31.01 7.72 20.19
C LEU E 191 32.18 8.46 19.57
N HIS E 192 31.93 9.39 18.65
CA HIS E 192 33.01 10.23 18.18
C HIS E 192 33.39 11.30 19.20
N LYS E 193 32.41 11.80 19.96
CA LYS E 193 32.64 12.77 21.02
C LYS E 193 33.17 12.10 22.27
N ASN E 194 32.90 10.79 22.43
CA ASN E 194 33.26 10.03 23.62
C ASN E 194 34.02 8.81 23.14
N PRO E 195 35.32 8.96 22.86
CA PRO E 195 36.05 7.86 22.22
C PRO E 195 36.05 6.62 23.06
N TYR E 196 35.98 6.75 24.37
CA TYR E 196 36.15 5.62 25.27
C TYR E 196 34.83 5.02 25.71
N GLY E 197 33.75 5.30 24.98
CA GLY E 197 32.46 4.78 25.34
C GLY E 197 32.34 3.43 24.67
N TYR E 198 31.75 2.48 25.39
CA TYR E 198 31.60 1.14 24.86
C TYR E 198 30.20 0.97 24.29
N ALA E 199 30.13 0.49 23.05
CA ALA E 199 28.87 -0.01 22.53
C ALA E 199 29.20 -1.11 21.52
N GLY E 200 29.27 -2.34 22.01
CA GLY E 200 29.51 -3.48 21.16
C GLY E 200 28.31 -3.79 20.27
N ILE E 201 28.53 -3.95 18.97
CA ILE E 201 27.51 -4.47 18.08
C ILE E 201 27.86 -5.92 17.78
N GLY E 202 26.84 -6.71 17.44
CA GLY E 202 27.08 -8.08 17.07
C GLY E 202 25.88 -8.81 16.48
N GLY E 203 26.10 -9.41 15.32
CA GLY E 203 25.10 -10.25 14.69
C GLY E 203 25.25 -11.71 15.09
N ILE E 204 24.32 -12.52 14.59
CA ILE E 204 24.27 -13.94 14.92
C ILE E 204 25.31 -14.79 14.21
N GLY E 205 26.07 -14.21 13.29
CA GLY E 205 27.21 -14.88 12.68
C GLY E 205 27.02 -15.53 11.32
N VAL E 206 25.96 -15.19 10.59
CA VAL E 206 25.76 -15.68 9.23
C VAL E 206 25.37 -14.47 8.37
N CYS E 207 25.76 -14.49 7.10
CA CYS E 207 25.58 -13.32 6.25
C CYS E 207 24.48 -13.56 5.22
N LEU E 208 23.79 -12.46 4.92
CA LEU E 208 22.76 -12.46 3.90
C LEU E 208 23.33 -12.95 2.58
N PRO E 209 22.69 -13.89 1.90
CA PRO E 209 23.21 -14.38 0.62
C PRO E 209 23.26 -13.28 -0.41
N PRO E 210 24.30 -13.26 -1.26
CA PRO E 210 24.40 -12.21 -2.29
C PRO E 210 23.22 -12.28 -3.24
N GLU E 211 22.45 -11.18 -3.28
CA GLU E 211 21.31 -11.05 -4.18
C GLU E 211 21.70 -11.22 -5.65
N LYS F 7 10.74 -29.00 20.34
CA LYS F 7 11.97 -29.67 20.72
C LYS F 7 12.37 -30.65 19.64
N HIS F 8 11.90 -31.88 19.82
CA HIS F 8 12.16 -33.02 18.93
C HIS F 8 11.26 -33.04 17.70
N LEU F 9 11.20 -31.91 17.01
CA LEU F 9 10.59 -31.78 15.70
C LEU F 9 11.66 -32.01 14.64
N VAL F 10 11.35 -31.71 13.37
CA VAL F 10 12.40 -31.65 12.37
C VAL F 10 13.40 -30.56 12.76
N SER F 11 14.66 -30.78 12.40
CA SER F 11 15.66 -29.76 12.67
C SER F 11 15.47 -28.55 11.75
N PRO F 12 15.66 -27.33 12.25
CA PRO F 12 15.53 -26.15 11.37
C PRO F 12 16.41 -26.21 10.13
N ALA F 13 17.65 -26.68 10.27
CA ALA F 13 18.53 -26.79 9.12
C ALA F 13 18.09 -27.90 8.17
N ASP F 14 17.39 -28.91 8.68
CA ASP F 14 16.90 -30.03 7.88
C ASP F 14 15.50 -29.78 7.34
N ALA F 15 14.83 -28.72 7.80
CA ALA F 15 13.46 -28.44 7.41
C ALA F 15 13.35 -28.20 5.92
N LEU F 16 12.17 -28.46 5.37
CA LEU F 16 11.93 -28.22 3.96
C LEU F 16 11.98 -26.72 3.69
N PRO F 17 12.57 -26.31 2.56
CA PRO F 17 12.88 -24.88 2.34
C PRO F 17 11.70 -24.00 1.97
N GLY F 18 10.68 -24.57 1.32
CA GLY F 18 9.47 -23.79 1.05
C GLY F 18 9.70 -22.70 0.01
N ARG F 19 8.95 -21.63 0.13
CA ARG F 19 8.73 -20.74 -0.99
C ARG F 19 8.12 -19.45 -0.46
N ASN F 20 8.43 -18.30 -1.10
CA ASN F 20 7.91 -17.02 -0.63
C ASN F 20 6.62 -16.64 -1.29
N THR F 21 5.78 -17.59 -1.65
CA THR F 21 4.60 -17.27 -2.39
C THR F 21 3.42 -17.73 -1.55
N PRO F 22 2.41 -16.90 -1.34
CA PRO F 22 1.31 -17.27 -0.44
C PRO F 22 0.32 -18.22 -1.08
N MET F 23 -0.30 -19.02 -0.24
CA MET F 23 -1.42 -19.83 -0.67
C MET F 23 -2.51 -18.89 -1.19
N PRO F 24 -3.07 -19.13 -2.37
CA PRO F 24 -4.26 -18.37 -2.77
C PRO F 24 -5.44 -18.70 -1.86
N VAL F 25 -6.11 -17.65 -1.38
CA VAL F 25 -7.15 -17.82 -0.37
C VAL F 25 -8.46 -17.29 -0.94
N ALA F 26 -9.53 -18.04 -0.71
CA ALA F 26 -10.83 -17.60 -1.21
C ALA F 26 -11.21 -16.28 -0.55
N THR F 27 -12.16 -15.58 -1.14
CA THR F 27 -12.52 -14.30 -0.54
C THR F 27 -13.41 -14.51 0.66
N LEU F 28 -14.41 -15.39 0.52
CA LEU F 28 -15.42 -15.58 1.53
C LEU F 28 -15.31 -16.96 2.17
N HIS F 29 -15.62 -16.98 3.48
CA HIS F 29 -15.79 -18.20 4.24
C HIS F 29 -16.94 -19.00 3.65
N ALA F 30 -16.76 -20.31 3.53
CA ALA F 30 -17.76 -21.08 2.82
C ALA F 30 -19.10 -21.17 3.55
N VAL F 31 -19.13 -20.86 4.85
CA VAL F 31 -20.31 -21.09 5.68
C VAL F 31 -21.09 -19.81 5.94
N ASN F 32 -20.41 -18.77 6.43
CA ASN F 32 -21.08 -17.56 6.90
C ASN F 32 -20.91 -16.37 5.97
N GLY F 33 -20.15 -16.52 4.88
CA GLY F 33 -19.97 -15.45 3.91
C GLY F 33 -19.11 -14.32 4.37
N HIS F 34 -18.33 -14.52 5.43
CA HIS F 34 -17.47 -13.48 5.97
C HIS F 34 -16.10 -13.50 5.31
N SER F 35 -15.27 -12.52 5.66
CA SER F 35 -13.96 -12.39 5.05
C SER F 35 -12.99 -13.44 5.55
N MET F 36 -12.39 -14.19 4.62
CA MET F 36 -11.38 -15.18 4.95
C MET F 36 -10.10 -14.57 5.50
N THR F 37 -9.91 -13.26 5.36
CA THR F 37 -8.68 -12.63 5.81
C THR F 37 -8.87 -11.51 6.82
N ASN F 38 -9.86 -10.64 6.63
CA ASN F 38 -9.98 -9.42 7.44
C ASN F 38 -10.25 -9.70 8.92
N VAL F 39 -9.83 -8.77 9.76
CA VAL F 39 -10.14 -8.75 11.18
C VAL F 39 -10.91 -7.46 11.47
N PRO F 40 -12.24 -7.53 11.62
CA PRO F 40 -13.04 -6.33 11.89
C PRO F 40 -12.69 -5.66 13.22
N ASP F 41 -12.92 -4.34 13.27
CA ASP F 41 -12.61 -3.56 14.46
C ASP F 41 -13.22 -4.17 15.73
N GLY F 42 -12.40 -4.30 16.76
CA GLY F 42 -12.82 -4.88 18.00
C GLY F 42 -12.71 -6.38 18.11
N MET F 43 -12.43 -7.09 17.03
CA MET F 43 -12.25 -8.54 17.09
C MET F 43 -10.75 -8.90 17.12
N GLU F 44 -10.48 -10.18 17.36
CA GLU F 44 -9.10 -10.64 17.55
C GLU F 44 -8.92 -11.98 16.86
N ILE F 45 -7.66 -12.40 16.77
CA ILE F 45 -7.30 -13.71 16.24
C ILE F 45 -6.90 -14.61 17.42
N ALA F 46 -7.25 -15.89 17.31
CA ALA F 46 -6.74 -16.97 18.15
C ALA F 46 -6.25 -18.10 17.25
N ILE F 47 -5.22 -18.82 17.70
CA ILE F 47 -4.65 -19.92 16.92
C ILE F 47 -4.52 -21.16 17.79
N PHE F 48 -5.12 -22.27 17.34
CA PHE F 48 -5.13 -23.51 18.10
C PHE F 48 -4.75 -24.68 17.20
N ALA F 49 -4.10 -25.69 17.79
CA ALA F 49 -3.77 -26.93 17.09
C ALA F 49 -4.33 -28.10 17.88
N MET F 50 -5.23 -28.88 17.25
CA MET F 50 -5.98 -29.92 17.94
C MET F 50 -6.04 -31.23 17.17
N GLY F 51 -5.11 -31.47 16.26
CA GLY F 51 -5.19 -32.63 15.41
C GLY F 51 -5.63 -32.25 14.01
N ALA F 52 -6.07 -33.26 13.26
CA ALA F 52 -6.58 -33.04 11.91
C ALA F 52 -7.61 -31.91 11.92
N PHE F 53 -7.40 -30.92 11.05
CA PHE F 53 -8.01 -29.62 11.29
C PHE F 53 -9.37 -29.48 10.64
N TRP F 54 -9.80 -30.49 9.89
CA TRP F 54 -11.16 -30.46 9.34
C TRP F 54 -12.20 -30.36 10.44
N GLY F 55 -12.23 -31.36 11.32
CA GLY F 55 -13.14 -31.33 12.43
C GLY F 55 -12.95 -30.12 13.33
N VAL F 56 -11.70 -29.65 13.46
CA VAL F 56 -11.41 -28.52 14.35
C VAL F 56 -12.02 -27.22 13.81
N GLU F 57 -11.78 -26.94 12.53
CA GLU F 57 -12.38 -25.75 11.94
C GLU F 57 -13.89 -25.82 12.03
N ARG F 58 -14.49 -26.99 11.76
CA ARG F 58 -15.95 -27.08 11.87
C ARG F 58 -16.40 -26.78 13.28
N LEU F 59 -15.73 -27.40 14.26
CA LEU F 59 -16.00 -27.15 15.67
C LEU F 59 -16.09 -25.67 15.99
N PHE F 60 -15.15 -24.89 15.47
CA PHE F 60 -15.10 -23.47 15.86
C PHE F 60 -16.05 -22.56 15.08
N TRP F 61 -16.26 -22.76 13.76
CA TRP F 61 -17.09 -21.75 13.10
C TRP F 61 -18.54 -21.79 13.57
N GLN F 62 -18.96 -22.85 14.26
CA GLN F 62 -20.32 -22.99 14.78
C GLN F 62 -20.57 -22.21 16.06
N LEU F 63 -19.53 -21.67 16.70
CA LEU F 63 -19.66 -20.97 17.96
C LEU F 63 -20.20 -19.56 17.71
N PRO F 64 -21.24 -19.13 18.42
CA PRO F 64 -21.65 -17.72 18.33
C PRO F 64 -20.51 -16.79 18.73
N GLY F 65 -20.24 -15.81 17.88
CA GLY F 65 -19.17 -14.86 18.11
C GLY F 65 -17.93 -15.05 17.27
N VAL F 66 -17.75 -16.18 16.61
CA VAL F 66 -16.61 -16.37 15.72
C VAL F 66 -16.97 -15.76 14.35
N TYR F 67 -16.17 -14.79 13.92
CA TYR F 67 -16.39 -14.11 12.64
C TYR F 67 -15.99 -14.98 11.46
N SER F 68 -14.79 -15.55 11.52
CA SER F 68 -14.33 -16.40 10.44
C SER F 68 -13.48 -17.53 11.00
N THR F 69 -13.34 -18.57 10.21
CA THR F 69 -12.39 -19.63 10.50
C THR F 69 -11.52 -19.89 9.28
N ALA F 70 -10.36 -20.49 9.54
CA ALA F 70 -9.47 -20.85 8.45
C ALA F 70 -8.59 -22.00 8.89
N ALA F 71 -8.45 -22.97 8.00
CA ALA F 71 -7.54 -24.08 8.19
C ALA F 71 -6.14 -23.70 7.73
N GLY F 72 -5.12 -24.21 8.42
CA GLY F 72 -3.79 -23.87 8.00
C GLY F 72 -2.71 -24.66 8.70
N TYR F 73 -1.48 -24.14 8.57
CA TYR F 73 -0.26 -24.82 9.00
C TYR F 73 0.52 -23.79 9.81
N THR F 74 0.92 -24.14 11.03
CA THR F 74 1.71 -23.14 11.75
C THR F 74 2.57 -23.80 12.81
N GLY F 75 3.51 -23.01 13.33
CA GLY F 75 4.38 -23.43 14.40
C GLY F 75 5.65 -24.13 14.00
N GLY F 76 5.86 -24.37 12.70
CA GLY F 76 7.04 -25.05 12.18
C GLY F 76 8.04 -24.08 11.59
N TYR F 77 8.72 -24.52 10.54
CA TYR F 77 9.77 -23.72 9.91
C TYR F 77 9.50 -23.38 8.46
N THR F 78 8.92 -24.28 7.69
CA THR F 78 8.84 -24.12 6.24
C THR F 78 7.90 -22.98 5.85
N PRO F 79 8.36 -21.98 5.10
CA PRO F 79 7.47 -20.87 4.73
C PRO F 79 6.48 -21.29 3.65
N ASN F 80 5.20 -21.04 3.90
CA ASN F 80 4.16 -21.27 2.90
C ASN F 80 4.13 -22.72 2.41
N PRO F 81 3.97 -23.70 3.29
CA PRO F 81 4.05 -25.10 2.85
C PRO F 81 2.80 -25.50 2.09
N THR F 82 2.89 -26.69 1.50
CA THR F 82 1.76 -27.38 0.90
C THR F 82 1.39 -28.59 1.76
N TYR F 83 0.18 -29.12 1.54
CA TYR F 83 -0.30 -30.22 2.40
C TYR F 83 0.66 -31.39 2.38
N ARG F 84 1.06 -31.82 1.18
CA ARG F 84 1.98 -32.95 1.11
C ARG F 84 3.27 -32.67 1.87
N GLU F 85 3.68 -31.40 1.94
CA GLU F 85 4.90 -31.05 2.67
C GLU F 85 4.72 -31.13 4.17
N VAL F 86 3.67 -30.52 4.70
CA VAL F 86 3.44 -30.59 6.13
C VAL F 86 3.24 -32.04 6.56
N ALA F 87 2.60 -32.85 5.70
CA ALA F 87 2.29 -34.23 6.04
C ALA F 87 3.53 -35.11 6.16
N SER F 88 4.62 -34.77 5.46
CA SER F 88 5.87 -35.52 5.59
C SER F 88 6.50 -35.35 6.96
N GLY F 89 6.06 -34.37 7.75
CA GLY F 89 6.69 -34.02 9.00
C GLY F 89 7.92 -33.14 8.91
N ASP F 90 8.43 -32.89 7.71
CA ASP F 90 9.68 -32.17 7.55
C ASP F 90 9.49 -30.67 7.50
N THR F 91 8.27 -30.19 7.75
CA THR F 91 8.02 -28.76 7.91
C THR F 91 8.07 -28.34 9.37
N GLY F 92 7.87 -29.28 10.29
CA GLY F 92 7.73 -28.96 11.70
C GLY F 92 6.42 -28.34 12.08
N HIS F 93 5.60 -27.97 11.11
CA HIS F 93 4.35 -27.31 11.41
C HIS F 93 3.36 -28.29 12.03
N ALA F 94 2.30 -27.71 12.60
CA ALA F 94 1.13 -28.42 13.05
C ALA F 94 -0.07 -27.96 12.24
N GLU F 95 -0.94 -28.92 11.91
CA GLU F 95 -2.23 -28.59 11.35
C GLU F 95 -3.03 -27.80 12.39
N ALA F 96 -3.36 -26.56 12.08
CA ALA F 96 -3.92 -25.66 13.06
C ALA F 96 -5.10 -24.91 12.45
N VAL F 97 -5.75 -24.09 13.30
CA VAL F 97 -6.94 -23.35 12.92
C VAL F 97 -6.82 -21.92 13.44
N ARG F 98 -7.21 -20.97 12.56
CA ARG F 98 -7.20 -19.53 12.78
C ARG F 98 -8.61 -19.06 13.06
N ILE F 99 -8.82 -18.41 14.19
CA ILE F 99 -10.15 -18.04 14.67
C ILE F 99 -10.19 -16.52 14.78
N VAL F 100 -11.07 -15.88 14.04
CA VAL F 100 -11.35 -14.47 14.24
C VAL F 100 -12.64 -14.40 15.01
N TYR F 101 -12.56 -13.84 16.21
CA TYR F 101 -13.68 -13.89 17.11
C TYR F 101 -13.90 -12.52 17.73
N ASP F 102 -15.12 -12.32 18.19
CA ASP F 102 -15.55 -11.08 18.81
C ASP F 102 -15.56 -11.27 20.32
N PRO F 103 -14.64 -10.65 21.07
CA PRO F 103 -14.58 -10.90 22.52
C PRO F 103 -15.81 -10.41 23.27
N SER F 104 -16.59 -9.48 22.70
CA SER F 104 -17.75 -8.97 23.43
C SER F 104 -18.88 -9.98 23.50
N VAL F 105 -18.87 -10.99 22.63
CA VAL F 105 -19.94 -11.97 22.57
C VAL F 105 -19.47 -13.35 22.99
N ILE F 106 -18.27 -13.75 22.59
CA ILE F 106 -17.64 -14.99 23.04
C ILE F 106 -16.25 -14.64 23.56
N SER F 107 -15.89 -15.20 24.69
CA SER F 107 -14.62 -14.86 25.34
C SER F 107 -13.53 -15.86 25.00
N TYR F 108 -12.29 -15.43 25.24
CA TYR F 108 -11.13 -16.30 25.03
C TYR F 108 -11.11 -17.48 25.99
N GLU F 109 -11.60 -17.29 27.23
CA GLU F 109 -11.68 -18.40 28.17
C GLU F 109 -12.57 -19.50 27.60
N GLN F 110 -13.64 -19.11 26.93
CA GLN F 110 -14.54 -20.07 26.30
C GLN F 110 -13.87 -20.77 25.13
N LEU F 111 -13.15 -20.04 24.30
CA LEU F 111 -12.39 -20.70 23.24
C LEU F 111 -11.43 -21.72 23.83
N LEU F 112 -10.78 -21.39 24.94
CA LEU F 112 -9.88 -22.33 25.59
C LEU F 112 -10.62 -23.57 26.10
N GLN F 113 -11.81 -23.38 26.68
CA GLN F 113 -12.54 -24.57 27.14
C GLN F 113 -12.90 -25.45 25.97
N VAL F 114 -13.35 -24.87 24.86
CA VAL F 114 -13.62 -25.67 23.67
C VAL F 114 -12.37 -26.43 23.25
N PHE F 115 -11.23 -25.74 23.22
CA PHE F 115 -9.94 -26.39 22.98
C PHE F 115 -9.76 -27.63 23.85
N TRP F 116 -9.72 -27.45 25.17
CA TRP F 116 -9.36 -28.57 26.05
C TRP F 116 -10.43 -29.67 26.06
N GLU F 117 -11.67 -29.31 25.75
CA GLU F 117 -12.78 -30.23 25.89
C GLU F 117 -12.92 -31.16 24.69
N ASN F 118 -12.46 -30.72 23.51
CA ASN F 118 -12.74 -31.44 22.28
C ASN F 118 -11.50 -32.08 21.65
N HIS F 119 -10.42 -32.27 22.41
CA HIS F 119 -9.36 -33.15 21.93
C HIS F 119 -8.60 -33.74 23.11
N ASP F 120 -7.71 -34.68 22.79
CA ASP F 120 -6.88 -35.35 23.79
C ASP F 120 -5.50 -34.70 23.83
N PRO F 121 -5.20 -33.93 24.85
CA PRO F 121 -3.94 -33.16 24.85
C PRO F 121 -2.76 -33.95 25.40
N ALA F 122 -2.88 -35.27 25.50
CA ALA F 122 -1.86 -36.07 26.18
C ALA F 122 -1.46 -37.28 25.36
N GLN F 123 -1.46 -37.17 24.04
CA GLN F 123 -1.07 -38.26 23.15
C GLN F 123 0.29 -38.03 22.49
N GLY F 124 1.00 -36.96 22.83
CA GLY F 124 2.27 -36.70 22.19
C GLY F 124 2.07 -36.26 20.74
N MET F 125 2.77 -36.94 19.83
CA MET F 125 2.73 -36.64 18.39
C MET F 125 1.64 -37.46 17.69
N ARG F 126 0.42 -37.35 18.19
CA ARG F 126 -0.71 -38.10 17.66
C ARG F 126 -2.00 -37.37 18.03
N GLN F 127 -3.07 -37.75 17.32
CA GLN F 127 -4.42 -37.34 17.68
C GLN F 127 -5.37 -38.30 16.99
N GLY F 128 -6.10 -39.09 17.78
CA GLY F 128 -7.00 -40.07 17.17
C GLY F 128 -6.22 -41.12 16.41
N ASN F 129 -6.65 -41.42 15.19
CA ASN F 129 -6.00 -42.40 14.33
C ASN F 129 -4.90 -41.80 13.48
N ASP F 130 -4.63 -40.50 13.63
CA ASP F 130 -3.73 -39.77 12.74
C ASP F 130 -2.41 -39.53 13.45
N HIS F 131 -1.33 -40.04 12.86
CA HIS F 131 0.00 -40.03 13.45
C HIS F 131 0.92 -39.03 12.73
N GLY F 132 1.78 -38.36 13.51
CA GLY F 132 2.74 -37.42 12.97
C GLY F 132 2.90 -36.17 13.81
N THR F 133 4.07 -35.54 13.71
CA THR F 133 4.30 -34.32 14.47
C THR F 133 3.37 -33.21 14.03
N GLN F 134 2.74 -33.34 12.86
CA GLN F 134 1.81 -32.34 12.36
C GLN F 134 0.43 -32.42 13.00
N TYR F 135 0.16 -33.44 13.82
CA TYR F 135 -1.14 -33.60 14.46
C TYR F 135 -1.08 -33.34 15.96
N ARG F 136 -0.01 -32.71 16.43
CA ARG F 136 0.20 -32.46 17.86
C ARG F 136 -0.74 -31.37 18.37
N SER F 137 -0.87 -31.30 19.69
CA SER F 137 -1.70 -30.30 20.36
C SER F 137 -0.86 -29.07 20.70
N ALA F 138 -1.41 -27.89 20.43
CA ALA F 138 -0.68 -26.65 20.67
C ALA F 138 -1.65 -25.46 20.81
N ILE F 139 -1.19 -24.47 21.58
CA ILE F 139 -1.82 -23.16 21.70
C ILE F 139 -0.79 -22.09 21.32
N TYR F 140 -1.17 -21.18 20.42
CA TYR F 140 -0.23 -20.16 19.95
C TYR F 140 -0.78 -18.78 20.27
N PRO F 141 -0.53 -18.27 21.49
CA PRO F 141 -1.06 -16.96 21.87
C PRO F 141 -0.44 -15.82 21.05
N LEU F 142 -1.27 -14.81 20.75
CA LEU F 142 -0.83 -13.64 20.01
C LEU F 142 -0.65 -12.41 20.88
N THR F 143 -1.17 -12.44 22.11
CA THR F 143 -1.09 -11.36 23.08
C THR F 143 -0.66 -11.93 24.41
N PRO F 144 -0.05 -11.11 25.27
CA PRO F 144 0.27 -11.60 26.62
C PRO F 144 -0.96 -12.10 27.36
N GLU F 145 -2.10 -11.44 27.17
CA GLU F 145 -3.31 -11.83 27.90
C GLU F 145 -3.73 -13.24 27.52
N GLN F 146 -3.67 -13.57 26.22
CA GLN F 146 -3.87 -14.95 25.80
C GLN F 146 -2.85 -15.89 26.43
N ASP F 147 -1.58 -15.46 26.53
CA ASP F 147 -0.56 -16.30 27.15
C ASP F 147 -0.94 -16.64 28.58
N ALA F 148 -1.29 -15.62 29.36
CA ALA F 148 -1.68 -15.83 30.75
C ALA F 148 -2.87 -16.78 30.84
N ALA F 149 -3.94 -16.47 30.12
CA ALA F 149 -5.14 -17.29 30.22
C ALA F 149 -4.87 -18.74 29.80
N ALA F 150 -4.11 -18.95 28.73
CA ALA F 150 -3.89 -20.29 28.21
C ALA F 150 -3.02 -21.12 29.15
N ARG F 151 -1.96 -20.55 29.71
CA ARG F 151 -1.15 -21.35 30.62
C ARG F 151 -1.89 -21.62 31.93
N ALA F 152 -2.66 -20.64 32.43
CA ALA F 152 -3.48 -20.89 33.62
C ALA F 152 -4.48 -22.02 33.36
N SER F 153 -5.08 -22.02 32.17
CA SER F 153 -6.01 -23.10 31.81
C SER F 153 -5.28 -24.43 31.65
N LEU F 154 -4.04 -24.42 31.16
CA LEU F 154 -3.24 -25.63 31.10
C LEU F 154 -3.08 -26.24 32.49
N GLU F 155 -2.72 -25.40 33.47
CA GLU F 155 -2.67 -25.84 34.86
C GLU F 155 -4.02 -26.40 35.32
N ARG F 156 -5.09 -25.61 35.17
CA ARG F 156 -6.40 -26.03 35.68
C ARG F 156 -6.84 -27.36 35.06
N PHE F 157 -6.63 -27.52 33.75
CA PHE F 157 -7.09 -28.72 33.08
C PHE F 157 -6.23 -29.90 33.45
N GLN F 158 -4.93 -29.68 33.69
CA GLN F 158 -4.09 -30.75 34.23
C GLN F 158 -4.62 -31.22 35.57
N ALA F 159 -5.00 -30.27 36.45
CA ALA F 159 -5.53 -30.65 37.75
C ALA F 159 -6.83 -31.44 37.63
N ALA F 160 -7.76 -30.95 36.81
CA ALA F 160 -9.05 -31.64 36.65
C ALA F 160 -8.88 -33.01 35.99
N MET F 161 -8.06 -33.07 34.96
CA MET F 161 -7.75 -34.32 34.27
C MET F 161 -7.15 -35.36 35.20
N LEU F 162 -6.14 -34.96 35.96
CA LEU F 162 -5.48 -35.89 36.86
C LEU F 162 -6.42 -36.31 38.00
N ALA F 163 -7.30 -35.40 38.44
CA ALA F 163 -8.36 -35.71 39.39
C ALA F 163 -9.35 -36.73 38.82
N ALA F 164 -9.52 -36.75 37.51
CA ALA F 164 -10.25 -37.83 36.85
C ALA F 164 -9.28 -39.02 36.74
N ASP F 165 -9.60 -40.00 35.89
CA ASP F 165 -8.74 -41.18 35.75
C ASP F 165 -7.80 -41.10 34.55
N ASP F 166 -6.98 -40.06 34.53
CA ASP F 166 -5.89 -39.94 33.56
C ASP F 166 -4.63 -39.54 34.33
N ASP F 167 -3.59 -40.37 34.28
CA ASP F 167 -2.33 -40.11 34.98
C ASP F 167 -1.24 -39.47 34.12
N ARG F 168 -1.52 -39.14 32.85
CA ARG F 168 -0.56 -38.60 31.90
C ARG F 168 -0.28 -37.12 32.11
N HIS F 169 0.88 -36.70 31.60
CA HIS F 169 1.25 -35.28 31.53
C HIS F 169 0.84 -34.72 30.17
N ILE F 170 0.30 -33.50 30.18
CA ILE F 170 -0.17 -32.88 28.93
C ILE F 170 1.01 -32.60 28.02
N THR F 171 0.87 -32.98 26.76
CA THR F 171 1.91 -32.81 25.75
C THR F 171 1.66 -31.59 24.85
N THR F 172 0.80 -30.66 25.28
CA THR F 172 0.49 -29.51 24.46
C THR F 172 1.68 -28.54 24.41
N GLU F 173 2.02 -28.10 23.21
CA GLU F 173 2.97 -27.01 23.04
C GLU F 173 2.22 -25.71 23.30
N ILE F 174 2.83 -24.79 24.03
CA ILE F 174 2.32 -23.43 24.14
C ILE F 174 3.45 -22.49 23.79
N ALA F 175 3.31 -21.79 22.66
CA ALA F 175 4.38 -20.89 22.25
C ALA F 175 3.81 -19.65 21.57
N ASN F 176 4.56 -18.56 21.66
CA ASN F 176 4.19 -17.35 20.96
C ASN F 176 4.02 -17.64 19.47
N ALA F 177 3.00 -17.02 18.89
CA ALA F 177 2.60 -17.39 17.53
C ALA F 177 3.62 -16.94 16.49
N THR F 178 3.88 -17.84 15.57
CA THR F 178 4.67 -17.62 14.37
C THR F 178 3.69 -17.53 13.18
N PRO F 179 4.14 -17.26 11.96
CA PRO F 179 3.18 -17.10 10.87
C PRO F 179 2.21 -18.26 10.75
N PHE F 180 0.97 -17.92 10.41
CA PHE F 180 -0.07 -18.89 10.11
C PHE F 180 -0.25 -18.91 8.59
N TYR F 181 0.13 -20.01 7.96
CA TYR F 181 0.03 -20.14 6.52
C TYR F 181 -1.30 -20.81 6.17
N TYR F 182 -2.10 -20.18 5.29
CA TYR F 182 -3.40 -20.79 4.99
C TYR F 182 -3.23 -22.06 4.18
N ALA F 183 -4.12 -23.01 4.43
CA ALA F 183 -4.14 -24.25 3.67
C ALA F 183 -4.77 -24.04 2.30
N GLU F 184 -4.50 -25.01 1.41
CA GLU F 184 -5.12 -25.02 0.08
C GLU F 184 -6.62 -24.82 0.16
N ASP F 185 -7.19 -24.23 -0.89
CA ASP F 185 -8.58 -23.81 -0.83
C ASP F 185 -9.53 -24.98 -0.59
N ASP F 186 -9.19 -26.16 -1.11
CA ASP F 186 -10.07 -27.29 -0.92
C ASP F 186 -10.19 -27.70 0.55
N HIS F 187 -9.18 -27.38 1.38
CA HIS F 187 -9.23 -27.72 2.79
C HIS F 187 -10.07 -26.77 3.63
N GLN F 188 -10.31 -25.54 3.15
CA GLN F 188 -11.09 -24.58 3.92
C GLN F 188 -12.55 -25.00 4.00
N GLN F 189 -13.07 -25.13 5.23
CA GLN F 189 -14.45 -25.54 5.49
C GLN F 189 -14.78 -26.85 4.78
N TYR F 190 -13.87 -27.82 4.90
CA TYR F 190 -13.97 -29.04 4.11
C TYR F 190 -15.30 -29.76 4.35
N LEU F 191 -15.72 -29.87 5.61
CA LEU F 191 -16.92 -30.64 5.91
C LEU F 191 -18.20 -29.87 5.57
N HIS F 192 -18.12 -28.56 5.36
CA HIS F 192 -19.27 -27.84 4.85
C HIS F 192 -19.47 -28.10 3.36
N LYS F 193 -18.36 -28.28 2.64
CA LYS F 193 -18.38 -28.64 1.23
C LYS F 193 -18.57 -30.12 1.02
N ASN F 194 -18.12 -30.94 1.97
CA ASN F 194 -18.12 -32.39 1.88
C ASN F 194 -18.72 -32.91 3.17
N PRO F 195 -20.05 -32.98 3.25
CA PRO F 195 -20.69 -33.28 4.54
C PRO F 195 -20.35 -34.63 5.14
N TYR F 196 -19.99 -35.61 4.32
CA TYR F 196 -19.85 -37.00 4.77
C TYR F 196 -18.40 -37.37 5.05
N GLY F 197 -17.56 -36.40 5.40
CA GLY F 197 -16.15 -36.63 5.60
C GLY F 197 -15.79 -37.04 7.01
N TYR F 198 -14.48 -37.08 7.26
CA TYR F 198 -13.88 -37.62 8.49
C TYR F 198 -13.67 -36.50 9.51
N ALA F 199 -14.44 -36.52 10.59
CA ALA F 199 -14.27 -35.56 11.69
C ALA F 199 -13.84 -36.22 13.00
N GLY F 200 -14.66 -37.14 13.54
CA GLY F 200 -14.36 -37.90 14.74
C GLY F 200 -13.68 -37.18 15.88
N ILE F 201 -13.92 -35.88 16.02
CA ILE F 201 -13.16 -35.03 16.96
C ILE F 201 -13.92 -34.98 18.28
N GLY F 202 -13.67 -35.99 19.13
CA GLY F 202 -14.26 -36.00 20.46
C GLY F 202 -13.23 -35.77 21.55
N GLY F 203 -13.70 -35.38 22.74
CA GLY F 203 -12.82 -35.19 23.87
C GLY F 203 -12.70 -36.43 24.75
N ILE F 204 -11.79 -36.34 25.73
CA ILE F 204 -11.55 -37.49 26.62
C ILE F 204 -12.59 -37.59 27.74
N GLY F 205 -13.50 -36.63 27.85
CA GLY F 205 -14.60 -36.70 28.79
C GLY F 205 -14.45 -35.95 30.09
N VAL F 206 -13.52 -34.99 30.18
CA VAL F 206 -13.36 -34.14 31.36
C VAL F 206 -13.21 -32.70 30.87
N CYS F 207 -13.72 -31.76 31.67
CA CYS F 207 -13.70 -30.34 31.30
C CYS F 207 -13.97 -29.42 32.49
N LYS G 4 50.56 -20.54 2.00
CA LYS G 4 49.91 -21.85 2.02
C LYS G 4 48.39 -21.72 1.85
N ILE G 5 47.86 -22.39 0.82
CA ILE G 5 46.42 -22.41 0.57
C ILE G 5 46.12 -23.65 -0.27
N ILE G 6 44.85 -24.07 -0.26
CA ILE G 6 44.37 -25.19 -1.08
C ILE G 6 43.21 -24.67 -1.93
N HIS G 7 43.34 -23.42 -2.38
CA HIS G 7 42.29 -22.60 -2.98
C HIS G 7 41.67 -23.29 -4.20
N LEU G 8 40.53 -22.77 -4.65
CA LEU G 8 39.83 -23.30 -5.83
C LEU G 8 38.83 -22.25 -6.33
N THR G 9 38.23 -22.56 -7.48
CA THR G 9 37.26 -21.67 -8.13
C THR G 9 36.10 -22.52 -8.67
N ASP G 10 35.27 -21.93 -9.54
CA ASP G 10 34.03 -22.60 -9.95
C ASP G 10 34.29 -23.80 -10.86
N ASP G 11 34.89 -23.58 -12.04
CA ASP G 11 35.24 -24.73 -12.90
C ASP G 11 36.12 -25.71 -12.15
N SER G 12 37.21 -25.20 -11.57
CA SER G 12 38.14 -26.04 -10.81
C SER G 12 37.43 -26.91 -9.79
N PHE G 13 36.36 -26.38 -9.17
CA PHE G 13 35.61 -27.15 -8.18
C PHE G 13 35.15 -28.48 -8.76
N ASP G 14 34.50 -28.44 -9.92
CA ASP G 14 33.99 -29.66 -10.53
C ASP G 14 35.12 -30.68 -10.75
N THR G 15 36.35 -30.21 -10.86
CA THR G 15 37.51 -31.09 -10.98
C THR G 15 38.13 -31.42 -9.63
N ASP G 16 38.16 -30.46 -8.70
CA ASP G 16 39.00 -30.60 -7.51
C ASP G 16 38.31 -31.34 -6.37
N VAL G 17 37.08 -30.98 -6.04
CA VAL G 17 36.39 -31.68 -4.96
C VAL G 17 35.60 -32.87 -5.48
N LEU G 18 34.97 -32.73 -6.66
CA LEU G 18 34.23 -33.84 -7.26
C LEU G 18 35.15 -34.95 -7.74
N LYS G 19 36.46 -34.70 -7.87
CA LYS G 19 37.46 -35.76 -8.00
C LYS G 19 38.64 -35.46 -7.06
N ALA G 20 38.48 -35.78 -5.76
CA ALA G 20 39.62 -35.80 -4.84
C ALA G 20 39.71 -37.12 -4.09
N ASP G 21 38.58 -37.53 -3.50
CA ASP G 21 38.45 -38.78 -2.74
C ASP G 21 39.46 -38.88 -1.60
N GLY G 22 39.57 -37.80 -0.83
CA GLY G 22 40.25 -37.86 0.46
C GLY G 22 39.26 -37.61 1.57
N ALA G 23 39.29 -36.38 2.10
CA ALA G 23 38.23 -35.85 2.96
C ALA G 23 38.32 -34.33 2.83
N ILE G 24 37.45 -33.76 2.01
CA ILE G 24 37.60 -32.38 1.54
C ILE G 24 36.71 -31.48 2.41
N LEU G 25 37.26 -30.35 2.86
CA LEU G 25 36.53 -29.39 3.68
C LEU G 25 36.61 -28.03 2.99
N VAL G 26 35.52 -27.63 2.33
CA VAL G 26 35.47 -26.40 1.56
C VAL G 26 34.63 -25.37 2.30
N ASP G 27 35.16 -24.16 2.47
CA ASP G 27 34.37 -23.07 2.99
C ASP G 27 34.04 -22.09 1.88
N PHE G 28 33.01 -21.28 2.13
CA PHE G 28 32.55 -20.33 1.12
C PHE G 28 32.88 -18.90 1.55
N TRP G 29 33.86 -18.30 0.86
CA TRP G 29 34.19 -16.87 0.96
C TRP G 29 33.19 -16.05 0.18
N ALA G 30 32.67 -14.98 0.76
CA ALA G 30 31.91 -13.99 0.00
C ALA G 30 32.58 -12.64 -0.05
N GLU G 31 33.40 -12.29 0.94
CA GLU G 31 34.15 -11.04 0.97
C GLU G 31 33.19 -9.87 1.13
N TRP G 32 31.88 -10.16 1.08
CA TRP G 32 30.85 -9.28 1.60
C TRP G 32 30.81 -9.32 3.13
N CYS G 33 31.44 -10.34 3.71
CA CYS G 33 30.98 -10.96 4.95
C CYS G 33 32.09 -10.96 5.99
N GLY G 34 31.77 -10.50 7.18
CA GLY G 34 32.68 -10.53 8.31
C GLY G 34 33.12 -11.94 8.64
N PRO G 35 32.17 -12.82 8.96
CA PRO G 35 32.53 -14.21 9.30
C PRO G 35 33.29 -14.96 8.22
N SER G 36 32.98 -14.72 6.94
CA SER G 36 33.70 -15.42 5.88
C SER G 36 35.18 -15.13 5.94
N LYS G 37 35.55 -13.85 5.95
CA LYS G 37 36.96 -13.47 6.05
C LYS G 37 37.53 -13.70 7.45
N MET G 38 36.66 -13.93 8.44
CA MET G 38 37.07 -14.04 9.83
C MET G 38 37.40 -15.48 10.24
N ILE G 39 36.81 -16.48 9.57
CA ILE G 39 37.18 -17.86 9.84
C ILE G 39 38.38 -18.22 8.98
N ALA G 40 38.97 -17.21 8.30
CA ALA G 40 40.16 -17.46 7.51
C ALA G 40 41.38 -17.79 8.37
N PRO G 41 41.67 -17.07 9.47
CA PRO G 41 42.83 -17.46 10.29
C PRO G 41 42.71 -18.87 10.85
N ILE G 42 41.54 -19.22 11.38
CA ILE G 42 41.35 -20.53 12.01
C ILE G 42 41.44 -21.64 10.96
N LEU G 43 41.02 -21.37 9.72
CA LEU G 43 41.17 -22.39 8.68
C LEU G 43 42.60 -22.53 8.19
N ASP G 44 43.36 -21.43 8.11
CA ASP G 44 44.79 -21.56 7.80
C ASP G 44 45.52 -22.37 8.88
N GLU G 45 45.13 -22.15 10.15
CA GLU G 45 45.76 -22.89 11.23
C GLU G 45 45.36 -24.36 11.22
N ILE G 46 44.09 -24.68 10.96
CA ILE G 46 43.72 -26.10 10.87
C ILE G 46 44.07 -26.70 9.51
N ALA G 47 44.61 -25.91 8.59
CA ALA G 47 45.13 -26.39 7.32
C ALA G 47 46.59 -26.83 7.45
N ASP G 48 47.45 -25.99 8.04
CA ASP G 48 48.77 -26.53 8.31
C ASP G 48 48.82 -27.38 9.57
N GLU G 49 47.74 -27.40 10.35
CA GLU G 49 47.52 -28.34 11.44
C GLU G 49 46.69 -29.51 10.90
N TYR G 50 46.48 -30.51 11.75
CA TYR G 50 45.71 -31.72 11.41
C TYR G 50 46.04 -32.20 10.00
N GLN G 51 47.33 -32.42 9.76
CA GLN G 51 47.75 -33.03 8.49
C GLN G 51 47.54 -34.53 8.59
N GLY G 52 46.34 -34.92 9.00
CA GLY G 52 45.94 -36.29 9.18
C GLY G 52 44.86 -36.71 8.23
N LYS G 53 43.62 -36.67 8.71
CA LYS G 53 42.48 -37.24 8.01
C LYS G 53 41.67 -36.24 7.19
N LEU G 54 42.05 -34.96 7.15
CA LEU G 54 41.30 -34.01 6.33
C LEU G 54 42.23 -33.07 5.58
N THR G 55 41.73 -32.57 4.45
CA THR G 55 42.36 -31.50 3.67
C THR G 55 41.28 -30.48 3.34
N VAL G 56 41.66 -29.21 3.16
CA VAL G 56 40.70 -28.12 3.07
C VAL G 56 40.72 -27.44 1.71
N ALA G 57 39.86 -26.43 1.53
CA ALA G 57 39.68 -25.71 0.27
C ALA G 57 38.80 -24.50 0.51
N LYS G 58 39.09 -23.41 -0.21
CA LYS G 58 38.48 -22.10 0.06
C LYS G 58 37.90 -21.50 -1.22
N LEU G 59 36.60 -21.64 -1.45
CA LEU G 59 35.96 -21.16 -2.67
C LEU G 59 35.39 -19.77 -2.46
N ASN G 60 35.82 -18.81 -3.28
CA ASN G 60 35.19 -17.49 -3.32
C ASN G 60 33.88 -17.56 -4.08
N ILE G 61 32.91 -16.72 -3.68
CA ILE G 61 31.65 -16.66 -4.41
C ILE G 61 31.31 -15.22 -4.73
N ASP G 62 32.27 -14.33 -4.53
CA ASP G 62 32.10 -12.94 -4.95
C ASP G 62 32.37 -12.81 -6.44
N GLN G 63 33.49 -13.37 -6.91
CA GLN G 63 33.84 -13.45 -8.32
C GLN G 63 33.49 -14.81 -8.93
N ASN G 64 33.19 -15.82 -8.12
CA ASN G 64 32.97 -17.19 -8.60
C ASN G 64 31.76 -17.79 -7.91
N PRO G 65 30.52 -17.40 -8.30
CA PRO G 65 29.34 -17.75 -7.51
C PRO G 65 28.66 -19.07 -7.87
N GLY G 66 28.98 -19.62 -9.05
CA GLY G 66 28.04 -20.51 -9.72
C GLY G 66 27.91 -21.90 -9.14
N THR G 67 29.00 -22.46 -8.60
CA THR G 67 29.05 -23.89 -8.31
C THR G 67 28.28 -24.23 -7.04
N ALA G 68 27.12 -24.87 -7.23
CA ALA G 68 26.19 -25.41 -6.23
C ALA G 68 25.65 -24.40 -5.21
N PRO G 69 25.24 -23.19 -5.62
CA PRO G 69 24.02 -22.61 -5.06
C PRO G 69 22.74 -23.14 -5.69
N LYS G 70 22.84 -24.14 -6.58
CA LYS G 70 21.72 -25.03 -6.80
C LYS G 70 21.43 -25.84 -5.54
N TYR G 71 22.48 -26.33 -4.90
CA TYR G 71 22.36 -27.37 -3.88
C TYR G 71 22.99 -26.91 -2.57
N GLY G 72 22.15 -26.45 -1.65
CA GLY G 72 22.50 -26.39 -0.24
C GLY G 72 22.58 -25.02 0.43
N ILE G 73 23.19 -24.05 -0.22
CA ILE G 73 23.54 -22.81 0.49
C ILE G 73 22.28 -22.01 0.74
N ARG G 74 22.10 -21.56 1.98
CA ARG G 74 21.15 -20.52 2.29
C ARG G 74 21.83 -19.32 2.91
N GLY G 75 23.15 -19.37 3.09
CA GLY G 75 23.90 -18.34 3.77
C GLY G 75 25.33 -18.75 3.99
N ILE G 76 26.23 -17.77 4.05
CA ILE G 76 27.65 -18.02 4.20
C ILE G 76 28.14 -17.25 5.42
N PRO G 77 29.23 -17.69 6.06
CA PRO G 77 30.09 -18.82 5.70
C PRO G 77 29.42 -20.17 5.92
N THR G 78 29.70 -21.09 5.00
CA THR G 78 29.33 -22.48 5.15
C THR G 78 30.54 -23.36 4.87
N LEU G 79 30.71 -24.35 5.73
CA LEU G 79 31.75 -25.35 5.66
C LEU G 79 31.11 -26.66 5.23
N LEU G 80 31.76 -27.38 4.31
CA LEU G 80 31.24 -28.63 3.79
C LEU G 80 32.34 -29.68 3.79
N LEU G 81 32.04 -30.83 4.42
CA LEU G 81 32.86 -32.04 4.33
C LEU G 81 32.30 -32.93 3.24
N PHE G 82 33.08 -33.13 2.18
CA PHE G 82 32.76 -33.99 1.05
C PHE G 82 33.67 -35.20 0.98
N LYS G 83 33.09 -36.31 0.55
CA LYS G 83 33.71 -37.27 -0.36
C LYS G 83 33.12 -36.99 -1.74
N ASN G 84 33.92 -37.29 -2.78
CA ASN G 84 33.81 -36.59 -4.07
C ASN G 84 32.41 -36.16 -4.46
N GLY G 85 31.48 -37.10 -4.53
CA GLY G 85 30.15 -36.79 -5.01
C GLY G 85 29.15 -36.52 -3.91
N GLU G 86 29.23 -37.29 -2.82
CA GLU G 86 28.27 -37.19 -1.74
C GLU G 86 28.43 -35.87 -0.98
N VAL G 87 27.54 -35.67 -0.01
CA VAL G 87 27.52 -34.47 0.83
C VAL G 87 27.55 -34.96 2.28
N ALA G 88 28.76 -35.10 2.83
CA ALA G 88 28.90 -35.80 4.11
C ALA G 88 28.46 -34.93 5.29
N ALA G 89 28.93 -33.69 5.36
CA ALA G 89 28.59 -32.85 6.52
C ALA G 89 28.56 -31.38 6.13
N THR G 90 27.74 -30.60 6.85
CA THR G 90 27.62 -29.15 6.61
C THR G 90 27.54 -28.41 7.94
N LYS G 91 28.30 -27.32 8.07
CA LYS G 91 28.23 -26.44 9.23
C LYS G 91 28.12 -25.00 8.77
N VAL G 92 27.00 -24.36 9.09
CA VAL G 92 26.67 -23.02 8.62
C VAL G 92 26.92 -22.02 9.74
N GLY G 93 27.49 -20.87 9.38
CA GLY G 93 27.70 -19.79 10.33
C GLY G 93 29.11 -19.82 10.91
N ALA G 94 29.46 -18.70 11.54
CA ALA G 94 30.83 -18.51 12.00
C ALA G 94 31.12 -19.34 13.23
N LEU G 95 32.39 -19.74 13.36
CA LEU G 95 32.85 -20.63 14.40
C LEU G 95 34.06 -20.02 15.10
N SER G 96 34.47 -20.69 16.17
CA SER G 96 35.77 -20.54 16.81
C SER G 96 36.56 -21.82 16.61
N LYS G 97 37.88 -21.75 16.83
CA LYS G 97 38.69 -22.96 16.73
C LYS G 97 38.13 -24.05 17.64
N GLY G 98 37.59 -23.68 18.79
CA GLY G 98 36.91 -24.64 19.65
C GLY G 98 35.73 -25.29 18.97
N GLN G 99 34.79 -24.47 18.51
CA GLN G 99 33.64 -24.99 17.77
C GLN G 99 34.08 -25.73 16.51
N LEU G 100 35.06 -25.17 15.79
CA LEU G 100 35.51 -25.76 14.54
C LEU G 100 36.07 -27.16 14.78
N LYS G 101 36.85 -27.34 15.85
CA LYS G 101 37.42 -28.66 16.09
C LYS G 101 36.41 -29.62 16.71
N GLU G 102 35.44 -29.12 17.50
CA GLU G 102 34.37 -30.01 17.94
C GLU G 102 33.59 -30.57 16.74
N PHE G 103 33.35 -29.74 15.73
CA PHE G 103 32.75 -30.27 14.50
C PHE G 103 33.72 -31.15 13.72
N LEU G 104 35.02 -30.85 13.80
CA LEU G 104 36.04 -31.63 13.09
C LEU G 104 36.42 -32.91 13.84
N ASP G 105 36.36 -32.90 15.18
CA ASP G 105 36.71 -34.06 15.98
C ASP G 105 35.48 -34.88 16.37
N ALA G 106 34.33 -34.62 15.76
CA ALA G 106 33.15 -35.45 15.94
C ALA G 106 32.72 -36.13 14.64
N ASN G 107 33.56 -36.12 13.61
CA ASN G 107 33.27 -36.82 12.37
C ASN G 107 34.22 -37.97 12.08
N LEU G 108 35.53 -37.73 12.05
CA LEU G 108 36.43 -38.79 11.63
C LEU G 108 37.71 -38.95 12.45
N ALA G 109 38.02 -38.06 13.40
CA ALA G 109 39.19 -38.24 14.27
C ALA G 109 39.08 -37.37 15.52
#